data_8BQ3
# 
_entry.id   8BQ3 
# 
_audit_conform.dict_name       mmcif_pdbx.dic 
_audit_conform.dict_version    5.381 
_audit_conform.dict_location   http://mmcif.pdb.org/dictionaries/ascii/mmcif_pdbx.dic 
# 
loop_
_database_2.database_id 
_database_2.database_code 
_database_2.pdbx_database_accession 
_database_2.pdbx_DOI 
PDB   8BQ3         pdb_00008bq3 10.2210/pdb8bq3/pdb 
WWPDB D_1292126418 ?            ?                   
# 
_pdbx_database_status.status_code                     REL 
_pdbx_database_status.status_code_sf                  REL 
_pdbx_database_status.status_code_mr                  ? 
_pdbx_database_status.entry_id                        8BQ3 
_pdbx_database_status.recvd_initial_deposition_date   2022-11-18 
_pdbx_database_status.SG_entry                        N 
_pdbx_database_status.deposit_site                    PDBE 
_pdbx_database_status.process_site                    PDBE 
_pdbx_database_status.status_code_cs                  ? 
_pdbx_database_status.status_code_nmr_data            ? 
_pdbx_database_status.methods_development_category    ? 
_pdbx_database_status.pdb_format_compatible           Y 
# 
loop_
_audit_author.name 
_audit_author.pdbx_ordinal 
_audit_author.identifier_ORCID 
'Varejao, N.'  1 0000-0002-6952-8896 
'Navarro, S.'  2 0000-0001-8160-9536 
'Ventura, S.'  3 0000-0002-9652-6351 
'Reverter, D.' 4 0000-0002-5347-0992 
# 
_citation.abstract                  ? 
_citation.abstract_id_CAS           ? 
_citation.book_id_ISBN              ? 
_citation.book_publisher            ? 
_citation.book_publisher_city       ? 
_citation.book_title                ? 
_citation.coordinate_linkage        ? 
_citation.country                   ? 
_citation.database_id_Medline       ? 
_citation.details                   ? 
_citation.id                        primary 
_citation.journal_abbrev            'To Be Published' 
_citation.journal_id_ASTM           ? 
_citation.journal_id_CSD            0353 
_citation.journal_id_ISSN           ? 
_citation.journal_full              ? 
_citation.journal_issue             ? 
_citation.journal_volume            ? 
_citation.language                  ? 
_citation.page_first                ? 
_citation.page_last                 ? 
_citation.title                     'Crystal structure of human R13 mutant of the c-Src SH3 domain in complex with VSL12-peptide' 
_citation.year                      ? 
_citation.database_id_CSD           ? 
_citation.pdbx_database_id_DOI      ? 
_citation.pdbx_database_id_PubMed   ? 
_citation.pdbx_database_id_patent   ? 
_citation.unpublished_flag          ? 
# 
loop_
_citation_author.citation_id 
_citation_author.name 
_citation_author.ordinal 
_citation_author.identifier_ORCID 
primary 'Varejao, N.'  1 0000-0002-6952-8896 
primary 'Navarro, S.'  2 0000-0001-8160-9536 
primary 'Ventura, S.'  3 0000-0002-9652-6351 
primary 'Reverter, D.' 4 0000-0002-5347-0992 
# 
_cell.angle_alpha                  90.00 
_cell.angle_alpha_esd              ? 
_cell.angle_beta                   90.00 
_cell.angle_beta_esd               ? 
_cell.angle_gamma                  120.00 
_cell.angle_gamma_esd              ? 
_cell.entry_id                     8BQ3 
_cell.details                      ? 
_cell.formula_units_Z              ? 
_cell.length_a                     39.362 
_cell.length_a_esd                 ? 
_cell.length_b                     39.362 
_cell.length_b_esd                 ? 
_cell.length_c                     148.457 
_cell.length_c_esd                 ? 
_cell.volume                       ? 
_cell.volume_esd                   ? 
_cell.Z_PDB                        12 
_cell.reciprocal_angle_alpha       ? 
_cell.reciprocal_angle_beta        ? 
_cell.reciprocal_angle_gamma       ? 
_cell.reciprocal_angle_alpha_esd   ? 
_cell.reciprocal_angle_beta_esd    ? 
_cell.reciprocal_angle_gamma_esd   ? 
_cell.reciprocal_length_a          ? 
_cell.reciprocal_length_b          ? 
_cell.reciprocal_length_c          ? 
_cell.reciprocal_length_a_esd      ? 
_cell.reciprocal_length_b_esd      ? 
_cell.reciprocal_length_c_esd      ? 
_cell.pdbx_unique_axis             ? 
_cell.pdbx_esd_method              ? 
# 
_symmetry.entry_id                         8BQ3 
_symmetry.cell_setting                     ? 
_symmetry.Int_Tables_number                179 
_symmetry.space_group_name_Hall            ? 
_symmetry.space_group_name_H-M             'P 65 2 2' 
_symmetry.pdbx_full_space_group_name_H-M   ? 
# 
loop_
_entity.id 
_entity.type 
_entity.src_method 
_entity.pdbx_description 
_entity.formula_weight 
_entity.pdbx_number_of_molecules 
_entity.pdbx_ec 
_entity.pdbx_mutation 
_entity.pdbx_fragment 
_entity.details 
1 polymer man 'Proto-oncogene tyrosine-protein kinase Src' 9862.965 1 2.7.10.2 ? ? 'SH3 domain of cSrc protein' 
2 polymer syn PRO-LEU-PRO                                  1317.622 1 ?        ? ? 'VSL12 peptide (partial)'    
# 
loop_
_entity_poly.entity_id 
_entity_poly.type 
_entity_poly.nstd_linkage 
_entity_poly.nstd_monomer 
_entity_poly.pdbx_seq_one_letter_code 
_entity_poly.pdbx_seq_one_letter_code_can 
_entity_poly.pdbx_strand_id 
_entity_poly.pdbx_target_identifier 
1 'polypeptide(L)' no no 
;MASMTGGQQMGDARSIVEAMYDYVSEMETDLSFTKGEALIIVENNEGDWWLARKMNSTEVGYIPSNYVKIRDLERGDYKD
DDDKKK
;
;MASMTGGQQMGDARSIVEAMYDYVSEMETDLSFTKGEALIIVENNEGDWWLARKMNSTEVGYIPSNYVKIRDLERGDYKD
DDDKKK
;
A ? 
2 'polypeptide(L)' no no VSLARRPLPPLP                                                                              VSLARRPLPPLP B 
? 
# 
loop_
_entity_poly_seq.entity_id 
_entity_poly_seq.num 
_entity_poly_seq.mon_id 
_entity_poly_seq.hetero 
1 1  MET n 
1 2  ALA n 
1 3  SER n 
1 4  MET n 
1 5  THR n 
1 6  GLY n 
1 7  GLY n 
1 8  GLN n 
1 9  GLN n 
1 10 MET n 
1 11 GLY n 
1 12 ASP n 
1 13 ALA n 
1 14 ARG n 
1 15 SER n 
1 16 ILE n 
1 17 VAL n 
1 18 GLU n 
1 19 ALA n 
1 20 MET n 
1 21 TYR n 
1 22 ASP n 
1 23 TYR n 
1 24 VAL n 
1 25 SER n 
1 26 GLU n 
1 27 MET n 
1 28 GLU n 
1 29 THR n 
1 30 ASP n 
1 31 LEU n 
1 32 SER n 
1 33 PHE n 
1 34 THR n 
1 35 LYS n 
1 36 GLY n 
1 37 GLU n 
1 38 ALA n 
1 39 LEU n 
1 40 ILE n 
1 41 ILE n 
1 42 VAL n 
1 43 GLU n 
1 44 ASN n 
1 45 ASN n 
1 46 GLU n 
1 47 GLY n 
1 48 ASP n 
1 49 TRP n 
1 50 TRP n 
1 51 LEU n 
1 52 ALA n 
1 53 ARG n 
1 54 LYS n 
1 55 MET n 
1 56 ASN n 
1 57 SER n 
1 58 THR n 
1 59 GLU n 
1 60 VAL n 
1 61 GLY n 
1 62 TYR n 
1 63 ILE n 
1 64 PRO n 
1 65 SER n 
1 66 ASN n 
1 67 TYR n 
1 68 VAL n 
1 69 LYS n 
1 70 ILE n 
1 71 ARG n 
1 72 ASP n 
1 73 LEU n 
1 74 GLU n 
1 75 ARG n 
1 76 GLY n 
1 77 ASP n 
1 78 TYR n 
1 79 LYS n 
1 80 ASP n 
1 81 ASP n 
1 82 ASP n 
1 83 ASP n 
1 84 LYS n 
1 85 LYS n 
1 86 LYS n 
2 1  VAL n 
2 2  SER n 
2 3  LEU n 
2 4  ALA n 
2 5  ARG n 
2 6  ARG n 
2 7  PRO n 
2 8  LEU n 
2 9  PRO n 
2 10 PRO n 
2 11 LEU n 
2 12 PRO n 
# 
_entity_src_gen.entity_id                          1 
_entity_src_gen.pdbx_src_id                        1 
_entity_src_gen.pdbx_alt_source_flag               sample 
_entity_src_gen.pdbx_seq_type                      'Biological sequence' 
_entity_src_gen.pdbx_beg_seq_num                   1 
_entity_src_gen.pdbx_end_seq_num                   86 
_entity_src_gen.gene_src_common_name               ? 
_entity_src_gen.gene_src_genus                     ? 
_entity_src_gen.pdbx_gene_src_gene                 SRC 
_entity_src_gen.gene_src_species                   ? 
_entity_src_gen.gene_src_strain                    ? 
_entity_src_gen.gene_src_tissue                    ? 
_entity_src_gen.gene_src_tissue_fraction           ? 
_entity_src_gen.gene_src_details                   ? 
_entity_src_gen.pdbx_gene_src_fragment             ? 
_entity_src_gen.pdbx_gene_src_scientific_name      'Homo sapiens' 
_entity_src_gen.pdbx_gene_src_ncbi_taxonomy_id     9606 
_entity_src_gen.pdbx_gene_src_variant              ? 
_entity_src_gen.pdbx_gene_src_cell_line            ? 
_entity_src_gen.pdbx_gene_src_atcc                 ? 
_entity_src_gen.pdbx_gene_src_organ                ? 
_entity_src_gen.pdbx_gene_src_organelle            ? 
_entity_src_gen.pdbx_gene_src_cell                 ? 
_entity_src_gen.pdbx_gene_src_cellular_location    ? 
_entity_src_gen.host_org_common_name               ? 
_entity_src_gen.pdbx_host_org_scientific_name      'Escherichia coli BL21' 
_entity_src_gen.pdbx_host_org_ncbi_taxonomy_id     511693 
_entity_src_gen.host_org_genus                     ? 
_entity_src_gen.pdbx_host_org_gene                 ? 
_entity_src_gen.pdbx_host_org_organ                ? 
_entity_src_gen.host_org_species                   ? 
_entity_src_gen.pdbx_host_org_tissue               ? 
_entity_src_gen.pdbx_host_org_tissue_fraction      ? 
_entity_src_gen.pdbx_host_org_strain               ? 
_entity_src_gen.pdbx_host_org_variant              ? 
_entity_src_gen.pdbx_host_org_cell_line            ? 
_entity_src_gen.pdbx_host_org_atcc                 ? 
_entity_src_gen.pdbx_host_org_culture_collection   ? 
_entity_src_gen.pdbx_host_org_cell                 ? 
_entity_src_gen.pdbx_host_org_organelle            ? 
_entity_src_gen.pdbx_host_org_cellular_location    ? 
_entity_src_gen.pdbx_host_org_vector_type          ? 
_entity_src_gen.pdbx_host_org_vector               ? 
_entity_src_gen.host_org_details                   ? 
_entity_src_gen.expression_system_id               ? 
_entity_src_gen.plasmid_name                       ? 
_entity_src_gen.plasmid_details                    ? 
_entity_src_gen.pdbx_description                   ? 
# 
_pdbx_entity_src_syn.entity_id              2 
_pdbx_entity_src_syn.pdbx_src_id            1 
_pdbx_entity_src_syn.pdbx_alt_source_flag   sample 
_pdbx_entity_src_syn.pdbx_beg_seq_num       1 
_pdbx_entity_src_syn.pdbx_end_seq_num       12 
_pdbx_entity_src_syn.organism_scientific    'synthetic construct' 
_pdbx_entity_src_syn.organism_common_name   ? 
_pdbx_entity_src_syn.ncbi_taxonomy_id       32630 
_pdbx_entity_src_syn.details                ? 
# 
loop_
_struct_ref.id 
_struct_ref.db_name 
_struct_ref.db_code 
_struct_ref.pdbx_db_accession 
_struct_ref.pdbx_db_isoform 
_struct_ref.entity_id 
_struct_ref.pdbx_seq_one_letter_code 
_struct_ref.pdbx_align_begin 
1 PDB 8BQ3 8BQ3 ? 1 ? 1 
2 PDB 8BQ3 8BQ3 ? 2 ? 1 
# 
loop_
_struct_ref_seq.align_id 
_struct_ref_seq.ref_id 
_struct_ref_seq.pdbx_PDB_id_code 
_struct_ref_seq.pdbx_strand_id 
_struct_ref_seq.seq_align_beg 
_struct_ref_seq.pdbx_seq_align_beg_ins_code 
_struct_ref_seq.seq_align_end 
_struct_ref_seq.pdbx_seq_align_end_ins_code 
_struct_ref_seq.pdbx_db_accession 
_struct_ref_seq.db_align_beg 
_struct_ref_seq.pdbx_db_align_beg_ins_code 
_struct_ref_seq.db_align_end 
_struct_ref_seq.pdbx_db_align_end_ins_code 
_struct_ref_seq.pdbx_auth_seq_align_beg 
_struct_ref_seq.pdbx_auth_seq_align_end 
1 1 8BQ3 A 1 ? 86 ? 8BQ3 70 ? 155 ? 70 155 
2 2 8BQ3 B 1 ? 12 ? 8BQ3 4  ? 15  ? 4  15  
# 
loop_
_chem_comp.id 
_chem_comp.type 
_chem_comp.mon_nstd_flag 
_chem_comp.name 
_chem_comp.pdbx_synonyms 
_chem_comp.formula 
_chem_comp.formula_weight 
ALA 'L-peptide linking' y ALANINE         ? 'C3 H7 N O2'     89.093  
ARG 'L-peptide linking' y ARGININE        ? 'C6 H15 N4 O2 1' 175.209 
ASN 'L-peptide linking' y ASPARAGINE      ? 'C4 H8 N2 O3'    132.118 
ASP 'L-peptide linking' y 'ASPARTIC ACID' ? 'C4 H7 N O4'     133.103 
GLN 'L-peptide linking' y GLUTAMINE       ? 'C5 H10 N2 O3'   146.144 
GLU 'L-peptide linking' y 'GLUTAMIC ACID' ? 'C5 H9 N O4'     147.129 
GLY 'peptide linking'   y GLYCINE         ? 'C2 H5 N O2'     75.067  
ILE 'L-peptide linking' y ISOLEUCINE      ? 'C6 H13 N O2'    131.173 
LEU 'L-peptide linking' y LEUCINE         ? 'C6 H13 N O2'    131.173 
LYS 'L-peptide linking' y LYSINE          ? 'C6 H15 N2 O2 1' 147.195 
MET 'L-peptide linking' y METHIONINE      ? 'C5 H11 N O2 S'  149.211 
PHE 'L-peptide linking' y PHENYLALANINE   ? 'C9 H11 N O2'    165.189 
PRO 'L-peptide linking' y PROLINE         ? 'C5 H9 N O2'     115.130 
SER 'L-peptide linking' y SERINE          ? 'C3 H7 N O3'     105.093 
THR 'L-peptide linking' y THREONINE       ? 'C4 H9 N O3'     119.119 
TRP 'L-peptide linking' y TRYPTOPHAN      ? 'C11 H12 N2 O2'  204.225 
TYR 'L-peptide linking' y TYROSINE        ? 'C9 H11 N O3'    181.189 
VAL 'L-peptide linking' y VALINE          ? 'C5 H11 N O2'    117.146 
# 
_exptl.absorpt_coefficient_mu     ? 
_exptl.absorpt_correction_T_max   ? 
_exptl.absorpt_correction_T_min   ? 
_exptl.absorpt_correction_type    ? 
_exptl.absorpt_process_details    ? 
_exptl.entry_id                   8BQ3 
_exptl.crystals_number            1 
_exptl.details                    ? 
_exptl.method                     'X-RAY DIFFRACTION' 
_exptl.method_details             ? 
# 
_exptl_crystal.colour                       ? 
_exptl_crystal.density_diffrn               ? 
_exptl_crystal.density_Matthews             2.39 
_exptl_crystal.density_method               ? 
_exptl_crystal.density_percent_sol          48.44 
_exptl_crystal.description                  ? 
_exptl_crystal.F_000                        ? 
_exptl_crystal.id                           1 
_exptl_crystal.preparation                  ? 
_exptl_crystal.size_max                     ? 
_exptl_crystal.size_mid                     ? 
_exptl_crystal.size_min                     ? 
_exptl_crystal.size_rad                     ? 
_exptl_crystal.colour_lustre                ? 
_exptl_crystal.colour_modifier              ? 
_exptl_crystal.colour_primary               ? 
_exptl_crystal.density_meas                 ? 
_exptl_crystal.density_meas_esd             ? 
_exptl_crystal.density_meas_gt              ? 
_exptl_crystal.density_meas_lt              ? 
_exptl_crystal.density_meas_temp            ? 
_exptl_crystal.density_meas_temp_esd        ? 
_exptl_crystal.density_meas_temp_gt         ? 
_exptl_crystal.density_meas_temp_lt         ? 
_exptl_crystal.pdbx_crystal_image_url       ? 
_exptl_crystal.pdbx_crystal_image_format    ? 
_exptl_crystal.pdbx_mosaicity               ? 
_exptl_crystal.pdbx_mosaicity_esd           ? 
_exptl_crystal.pdbx_mosaic_method           ? 
_exptl_crystal.pdbx_mosaic_block_size       ? 
_exptl_crystal.pdbx_mosaic_block_size_esd   ? 
# 
_exptl_crystal_grow.apparatus       ? 
_exptl_crystal_grow.atmosphere      ? 
_exptl_crystal_grow.crystal_id      1 
_exptl_crystal_grow.details         ? 
_exptl_crystal_grow.method          'VAPOR DIFFUSION, HANGING DROP' 
_exptl_crystal_grow.method_ref      ? 
_exptl_crystal_grow.pH              7.0 
_exptl_crystal_grow.pressure        ? 
_exptl_crystal_grow.pressure_esd    ? 
_exptl_crystal_grow.seeding         ? 
_exptl_crystal_grow.seeding_ref     ? 
_exptl_crystal_grow.temp            291 
_exptl_crystal_grow.temp_details    ? 
_exptl_crystal_grow.temp_esd        ? 
_exptl_crystal_grow.time            ? 
_exptl_crystal_grow.pdbx_details    '25% w/vPEG 1500, 0.1M MIB (Sodium malonate dibasic monohydrate, Imidazole, Boric acid) pH 7.0' 
_exptl_crystal_grow.pdbx_pH_range   ? 
# 
_diffrn.ambient_environment              ? 
_diffrn.ambient_temp                     100 
_diffrn.ambient_temp_details             ? 
_diffrn.ambient_temp_esd                 ? 
_diffrn.crystal_id                       1 
_diffrn.crystal_support                  ? 
_diffrn.crystal_treatment                ? 
_diffrn.details                          ? 
_diffrn.id                               1 
_diffrn.ambient_pressure                 ? 
_diffrn.ambient_pressure_esd             ? 
_diffrn.ambient_pressure_gt              ? 
_diffrn.ambient_pressure_lt              ? 
_diffrn.ambient_temp_gt                  ? 
_diffrn.ambient_temp_lt                  ? 
_diffrn.pdbx_serial_crystal_experiment   N 
# 
_diffrn_detector.details                      ? 
_diffrn_detector.detector                     PIXEL 
_diffrn_detector.diffrn_id                    1 
_diffrn_detector.type                         'DECTRIS PILATUS 6M' 
_diffrn_detector.area_resol_mean              ? 
_diffrn_detector.dtime                        ? 
_diffrn_detector.pdbx_frames_total            ? 
_diffrn_detector.pdbx_collection_time_total   ? 
_diffrn_detector.pdbx_collection_date         2017-02-09 
_diffrn_detector.pdbx_frequency               ? 
# 
_diffrn_radiation.collimation                      ? 
_diffrn_radiation.diffrn_id                        1 
_diffrn_radiation.filter_edge                      ? 
_diffrn_radiation.inhomogeneity                    ? 
_diffrn_radiation.monochromator                    M 
_diffrn_radiation.polarisn_norm                    ? 
_diffrn_radiation.polarisn_ratio                   ? 
_diffrn_radiation.probe                            ? 
_diffrn_radiation.type                             ? 
_diffrn_radiation.xray_symbol                      ? 
_diffrn_radiation.wavelength_id                    1 
_diffrn_radiation.pdbx_monochromatic_or_laue_m_l   M 
_diffrn_radiation.pdbx_wavelength_list             ? 
_diffrn_radiation.pdbx_wavelength                  ? 
_diffrn_radiation.pdbx_diffrn_protocol             'SINGLE WAVELENGTH' 
_diffrn_radiation.pdbx_analyzer                    ? 
_diffrn_radiation.pdbx_scattering_type             x-ray 
# 
_diffrn_radiation_wavelength.id           1 
_diffrn_radiation_wavelength.wavelength   0.919970 
_diffrn_radiation_wavelength.wt           1.0 
# 
_diffrn_source.current                     ? 
_diffrn_source.details                     ? 
_diffrn_source.diffrn_id                   1 
_diffrn_source.power                       ? 
_diffrn_source.size                        ? 
_diffrn_source.source                      SYNCHROTRON 
_diffrn_source.target                      ? 
_diffrn_source.type                        'ALBA BEAMLINE XALOC' 
_diffrn_source.voltage                     ? 
_diffrn_source.take-off_angle              ? 
_diffrn_source.pdbx_wavelength_list        0.919970 
_diffrn_source.pdbx_wavelength             ? 
_diffrn_source.pdbx_synchrotron_beamline   XALOC 
_diffrn_source.pdbx_synchrotron_site       ALBA 
# 
_reflns.B_iso_Wilson_estimate                          ? 
_reflns.entry_id                                       8BQ3 
_reflns.data_reduction_details                         ? 
_reflns.data_reduction_method                          ? 
_reflns.d_resolution_high                              2.66 
_reflns.d_resolution_low                               148.46 
_reflns.details                                        ? 
_reflns.limit_h_max                                    ? 
_reflns.limit_h_min                                    ? 
_reflns.limit_k_max                                    ? 
_reflns.limit_k_min                                    ? 
_reflns.limit_l_max                                    ? 
_reflns.limit_l_min                                    ? 
_reflns.number_all                                     ? 
_reflns.number_obs                                     2330 
_reflns.observed_criterion                             ? 
_reflns.observed_criterion_F_max                       ? 
_reflns.observed_criterion_F_min                       ? 
_reflns.observed_criterion_I_max                       ? 
_reflns.observed_criterion_I_min                       ? 
_reflns.observed_criterion_sigma_F                     ? 
_reflns.observed_criterion_sigma_I                     ? 
_reflns.percent_possible_obs                           99.1 
_reflns.R_free_details                                 ? 
_reflns.Rmerge_F_all                                   ? 
_reflns.Rmerge_F_obs                                   ? 
_reflns.Friedel_coverage                               ? 
_reflns.number_gt                                      ? 
_reflns.threshold_expression                           ? 
_reflns.pdbx_redundancy                                15.6 
_reflns.pdbx_Rmerge_I_obs                              ? 
_reflns.pdbx_Rmerge_I_all                              ? 
_reflns.pdbx_Rsym_value                                ? 
_reflns.pdbx_netI_over_av_sigmaI                       14.7 
_reflns.pdbx_netI_over_sigmaI                          14.7 
_reflns.pdbx_res_netI_over_av_sigmaI_2                 ? 
_reflns.pdbx_res_netI_over_sigmaI_2                    ? 
_reflns.pdbx_chi_squared                               ? 
_reflns.pdbx_scaling_rejects                           ? 
_reflns.pdbx_d_res_high_opt                            ? 
_reflns.pdbx_d_res_low_opt                             ? 
_reflns.pdbx_d_res_opt_method                          ? 
_reflns.phase_calculation_details                      ? 
_reflns.pdbx_Rrim_I_all                                ? 
_reflns.pdbx_Rpim_I_all                                ? 
_reflns.pdbx_d_opt                                     ? 
_reflns.pdbx_number_measured_all                       ? 
_reflns.pdbx_diffrn_id                                 1 
_reflns.pdbx_ordinal                                   1 
_reflns.pdbx_CC_half                                   0.998 
_reflns.pdbx_CC_star                                   ? 
_reflns.pdbx_R_split                                   ? 
_reflns.pdbx_aniso_diffraction_limit_axis_1_ortho[1]   ? 
_reflns.pdbx_aniso_diffraction_limit_axis_1_ortho[2]   ? 
_reflns.pdbx_aniso_diffraction_limit_axis_1_ortho[3]   ? 
_reflns.pdbx_aniso_diffraction_limit_axis_2_ortho[1]   ? 
_reflns.pdbx_aniso_diffraction_limit_axis_2_ortho[2]   ? 
_reflns.pdbx_aniso_diffraction_limit_axis_2_ortho[3]   ? 
_reflns.pdbx_aniso_diffraction_limit_axis_3_ortho[1]   ? 
_reflns.pdbx_aniso_diffraction_limit_axis_3_ortho[2]   ? 
_reflns.pdbx_aniso_diffraction_limit_axis_3_ortho[3]   ? 
_reflns.pdbx_aniso_diffraction_limit_1                 ? 
_reflns.pdbx_aniso_diffraction_limit_2                 ? 
_reflns.pdbx_aniso_diffraction_limit_3                 ? 
_reflns.pdbx_aniso_B_tensor_eigenvector_1_ortho[1]     ? 
_reflns.pdbx_aniso_B_tensor_eigenvector_1_ortho[2]     ? 
_reflns.pdbx_aniso_B_tensor_eigenvector_1_ortho[3]     ? 
_reflns.pdbx_aniso_B_tensor_eigenvector_2_ortho[1]     ? 
_reflns.pdbx_aniso_B_tensor_eigenvector_2_ortho[2]     ? 
_reflns.pdbx_aniso_B_tensor_eigenvector_2_ortho[3]     ? 
_reflns.pdbx_aniso_B_tensor_eigenvector_3_ortho[1]     ? 
_reflns.pdbx_aniso_B_tensor_eigenvector_3_ortho[2]     ? 
_reflns.pdbx_aniso_B_tensor_eigenvector_3_ortho[3]     ? 
_reflns.pdbx_aniso_B_tensor_eigenvalue_1               ? 
_reflns.pdbx_aniso_B_tensor_eigenvalue_2               ? 
_reflns.pdbx_aniso_B_tensor_eigenvalue_3               ? 
_reflns.pdbx_orthogonalization_convention              ? 
_reflns.pdbx_percent_possible_ellipsoidal              ? 
_reflns.pdbx_percent_possible_spherical                ? 
_reflns.pdbx_percent_possible_ellipsoidal_anomalous    ? 
_reflns.pdbx_percent_possible_spherical_anomalous      ? 
_reflns.pdbx_redundancy_anomalous                      ? 
_reflns.pdbx_CC_half_anomalous                         ? 
_reflns.pdbx_absDiff_over_sigma_anomalous              ? 
_reflns.pdbx_percent_possible_anomalous                ? 
_reflns.pdbx_observed_signal_threshold                 ? 
_reflns.pdbx_signal_type                               ? 
_reflns.pdbx_signal_details                            ? 
_reflns.pdbx_signal_software_id                        ? 
_reflns.pdbx_CC_split_method                           ? 
# 
_reflns_shell.d_res_high                                    2.66 
_reflns_shell.d_res_low                                     8.81 
_reflns_shell.meanI_over_sigI_all                           ? 
_reflns_shell.meanI_over_sigI_obs                           15 
_reflns_shell.number_measured_all                           ? 
_reflns_shell.number_measured_obs                           ? 
_reflns_shell.number_possible                               ? 
_reflns_shell.number_unique_all                             ? 
_reflns_shell.number_unique_obs                             280 
_reflns_shell.percent_possible_all                          96.6 
_reflns_shell.percent_possible_obs                          ? 
_reflns_shell.Rmerge_F_all                                  ? 
_reflns_shell.Rmerge_F_obs                                  ? 
_reflns_shell.Rmerge_I_all                                  ? 
_reflns_shell.Rmerge_I_obs                                  0.969 
_reflns_shell.meanI_over_sigI_gt                            ? 
_reflns_shell.meanI_over_uI_all                             ? 
_reflns_shell.meanI_over_uI_gt                              ? 
_reflns_shell.number_measured_gt                            ? 
_reflns_shell.number_unique_gt                              ? 
_reflns_shell.percent_possible_gt                           ? 
_reflns_shell.Rmerge_F_gt                                   ? 
_reflns_shell.Rmerge_I_gt                                   ? 
_reflns_shell.pdbx_redundancy                               15 
_reflns_shell.pdbx_Rsym_value                               ? 
_reflns_shell.pdbx_chi_squared                              ? 
_reflns_shell.pdbx_netI_over_sigmaI_all                     ? 
_reflns_shell.pdbx_netI_over_sigmaI_obs                     ? 
_reflns_shell.pdbx_Rrim_I_all                               ? 
_reflns_shell.pdbx_Rpim_I_all                               ? 
_reflns_shell.pdbx_rejects                                  ? 
_reflns_shell.pdbx_ordinal                                  1 
_reflns_shell.pdbx_diffrn_id                                1 
_reflns_shell.pdbx_CC_half                                  0.948 
_reflns_shell.pdbx_CC_star                                  ? 
_reflns_shell.pdbx_R_split                                  ? 
_reflns_shell.pdbx_percent_possible_ellipsoidal             ? 
_reflns_shell.pdbx_percent_possible_spherical               ? 
_reflns_shell.pdbx_percent_possible_ellipsoidal_anomalous   ? 
_reflns_shell.pdbx_percent_possible_spherical_anomalous     ? 
_reflns_shell.pdbx_redundancy_anomalous                     ? 
_reflns_shell.pdbx_CC_half_anomalous                        ? 
_reflns_shell.pdbx_absDiff_over_sigma_anomalous             ? 
_reflns_shell.pdbx_percent_possible_anomalous               ? 
# 
_refine.aniso_B[1][1]                            ? 
_refine.aniso_B[1][2]                            ? 
_refine.aniso_B[1][3]                            ? 
_refine.aniso_B[2][2]                            ? 
_refine.aniso_B[2][3]                            ? 
_refine.aniso_B[3][3]                            ? 
_refine.B_iso_max                                ? 
_refine.B_iso_mean                               ? 
_refine.B_iso_min                                ? 
_refine.correlation_coeff_Fo_to_Fc               ? 
_refine.correlation_coeff_Fo_to_Fc_free          ? 
_refine.details                                  ? 
_refine.diff_density_max                         ? 
_refine.diff_density_max_esd                     ? 
_refine.diff_density_min                         ? 
_refine.diff_density_min_esd                     ? 
_refine.diff_density_rms                         ? 
_refine.diff_density_rms_esd                     ? 
_refine.entry_id                                 8BQ3 
_refine.pdbx_refine_id                           'X-RAY DIFFRACTION' 
_refine.ls_abs_structure_details                 ? 
_refine.ls_abs_structure_Flack                   ? 
_refine.ls_abs_structure_Flack_esd               ? 
_refine.ls_abs_structure_Rogers                  ? 
_refine.ls_abs_structure_Rogers_esd              ? 
_refine.ls_d_res_high                            2.66 
_refine.ls_d_res_low                             34.09 
_refine.ls_extinction_coef                       ? 
_refine.ls_extinction_coef_esd                   ? 
_refine.ls_extinction_expression                 ? 
_refine.ls_extinction_method                     ? 
_refine.ls_goodness_of_fit_all                   ? 
_refine.ls_goodness_of_fit_all_esd               ? 
_refine.ls_goodness_of_fit_obs                   ? 
_refine.ls_goodness_of_fit_obs_esd               ? 
_refine.ls_hydrogen_treatment                    ? 
_refine.ls_matrix_type                           ? 
_refine.ls_number_constraints                    ? 
_refine.ls_number_parameters                     ? 
_refine.ls_number_reflns_all                     ? 
_refine.ls_number_reflns_obs                     2282 
_refine.ls_number_reflns_R_free                  238 
_refine.ls_number_reflns_R_work                  ? 
_refine.ls_number_restraints                     ? 
_refine.ls_percent_reflns_obs                    99.00 
_refine.ls_percent_reflns_R_free                 10.43 
_refine.ls_R_factor_all                          ? 
_refine.ls_R_factor_obs                          0.2359 
_refine.ls_R_factor_R_free                       0.2815 
_refine.ls_R_factor_R_free_error                 ? 
_refine.ls_R_factor_R_free_error_details         ? 
_refine.ls_R_factor_R_work                       0.2300 
_refine.ls_R_Fsqd_factor_obs                     ? 
_refine.ls_R_I_factor_obs                        ? 
_refine.ls_redundancy_reflns_all                 ? 
_refine.ls_redundancy_reflns_obs                 ? 
_refine.ls_restrained_S_all                      ? 
_refine.ls_restrained_S_obs                      ? 
_refine.ls_shift_over_esd_max                    ? 
_refine.ls_shift_over_esd_mean                   ? 
_refine.ls_structure_factor_coef                 ? 
_refine.ls_weighting_details                     ? 
_refine.ls_weighting_scheme                      ? 
_refine.ls_wR_factor_all                         ? 
_refine.ls_wR_factor_obs                         ? 
_refine.ls_wR_factor_R_free                      ? 
_refine.ls_wR_factor_R_work                      ? 
_refine.occupancy_max                            ? 
_refine.occupancy_min                            ? 
_refine.solvent_model_details                    'FLAT BULK SOLVENT MODEL' 
_refine.solvent_model_param_bsol                 ? 
_refine.solvent_model_param_ksol                 ? 
_refine.pdbx_R_complete                          ? 
_refine.ls_R_factor_gt                           ? 
_refine.ls_goodness_of_fit_gt                    ? 
_refine.ls_goodness_of_fit_ref                   ? 
_refine.ls_shift_over_su_max                     ? 
_refine.ls_shift_over_su_max_lt                  ? 
_refine.ls_shift_over_su_mean                    ? 
_refine.ls_shift_over_su_mean_lt                 ? 
_refine.pdbx_ls_sigma_I                          ? 
_refine.pdbx_ls_sigma_F                          1.34 
_refine.pdbx_ls_sigma_Fsqd                       ? 
_refine.pdbx_data_cutoff_high_absF               ? 
_refine.pdbx_data_cutoff_high_rms_absF           ? 
_refine.pdbx_data_cutoff_low_absF                ? 
_refine.pdbx_isotropic_thermal_model             ? 
_refine.pdbx_ls_cross_valid_method               NONE 
_refine.pdbx_method_to_determine_struct          'MOLECULAR REPLACEMENT' 
_refine.pdbx_starting_model                      4HVW 
_refine.pdbx_stereochemistry_target_values       ML 
_refine.pdbx_R_Free_selection_details            ? 
_refine.pdbx_stereochem_target_val_spec_case     ? 
_refine.pdbx_overall_ESU_R                       ? 
_refine.pdbx_overall_ESU_R_Free                  ? 
_refine.pdbx_solvent_vdw_probe_radii             1.11 
_refine.pdbx_solvent_ion_probe_radii             ? 
_refine.pdbx_solvent_shrinkage_radii             0.90 
_refine.pdbx_real_space_R                        ? 
_refine.pdbx_density_correlation                 ? 
_refine.pdbx_pd_number_of_powder_patterns        ? 
_refine.pdbx_pd_number_of_points                 ? 
_refine.pdbx_pd_meas_number_of_points            ? 
_refine.pdbx_pd_proc_ls_prof_R_factor            ? 
_refine.pdbx_pd_proc_ls_prof_wR_factor           ? 
_refine.pdbx_pd_Marquardt_correlation_coeff      ? 
_refine.pdbx_pd_Fsqrd_R_factor                   ? 
_refine.pdbx_pd_ls_matrix_band_width             ? 
_refine.pdbx_overall_phase_error                 19.15 
_refine.pdbx_overall_SU_R_free_Cruickshank_DPI   ? 
_refine.pdbx_overall_SU_R_free_Blow_DPI          ? 
_refine.pdbx_overall_SU_R_Blow_DPI               ? 
_refine.pdbx_TLS_residual_ADP_flag               ? 
_refine.pdbx_diffrn_id                           1 
_refine.overall_SU_B                             ? 
_refine.overall_SU_ML                            0.29 
_refine.overall_SU_R_Cruickshank_DPI             ? 
_refine.overall_SU_R_free                        ? 
_refine.overall_FOM_free_R_set                   ? 
_refine.overall_FOM_work_R_set                   ? 
_refine.pdbx_average_fsc_overall                 ? 
_refine.pdbx_average_fsc_work                    ? 
_refine.pdbx_average_fsc_free                    ? 
# 
_refine_hist.pdbx_refine_id                   'X-RAY DIFFRACTION' 
_refine_hist.cycle_id                         LAST 
_refine_hist.pdbx_number_atoms_protein        510 
_refine_hist.pdbx_number_atoms_nucleic_acid   0 
_refine_hist.pdbx_number_atoms_ligand         0 
_refine_hist.number_atoms_solvent             0 
_refine_hist.number_atoms_total               510 
_refine_hist.d_res_high                       2.66 
_refine_hist.d_res_low                        34.09 
# 
loop_
_refine_ls_restr.pdbx_refine_id 
_refine_ls_restr.criterion 
_refine_ls_restr.dev_ideal 
_refine_ls_restr.dev_ideal_target 
_refine_ls_restr.number 
_refine_ls_restr.rejects 
_refine_ls_restr.type 
_refine_ls_restr.weight 
_refine_ls_restr.pdbx_restraint_function 
'X-RAY DIFFRACTION' ? 0.011 ? 520 ? f_bond_d           ? ? 
'X-RAY DIFFRACTION' ? 1.366 ? 704 ? f_angle_d          ? ? 
'X-RAY DIFFRACTION' ? 9.755 ? 69  ? f_dihedral_angle_d ? ? 
'X-RAY DIFFRACTION' ? 0.061 ? 77  ? f_chiral_restr     ? ? 
'X-RAY DIFFRACTION' ? 0.010 ? 89  ? f_plane_restr      ? ? 
# 
loop_
_refine_ls_shell.pdbx_refine_id 
_refine_ls_shell.d_res_high 
_refine_ls_shell.d_res_low 
_refine_ls_shell.number_reflns_all 
_refine_ls_shell.number_reflns_obs 
_refine_ls_shell.number_reflns_R_free 
_refine_ls_shell.number_reflns_R_work 
_refine_ls_shell.percent_reflns_obs 
_refine_ls_shell.percent_reflns_R_free 
_refine_ls_shell.R_factor_all 
_refine_ls_shell.R_factor_obs 
_refine_ls_shell.R_factor_R_free 
_refine_ls_shell.R_factor_R_free_error 
_refine_ls_shell.R_factor_R_work 
_refine_ls_shell.redundancy_reflns_all 
_refine_ls_shell.redundancy_reflns_obs 
_refine_ls_shell.wR_factor_all 
_refine_ls_shell.wR_factor_obs 
_refine_ls_shell.wR_factor_R_free 
_refine_ls_shell.wR_factor_R_work 
_refine_ls_shell.pdbx_R_complete 
_refine_ls_shell.pdbx_total_number_of_bins_used 
_refine_ls_shell.pdbx_phase_error 
_refine_ls_shell.pdbx_fsc_work 
_refine_ls_shell.pdbx_fsc_free 
'X-RAY DIFFRACTION' 2.66 2.79  . . 109 976  99.00 . . . 0.3343 . 0.2397 . . . . . . . . . . . 
'X-RAY DIFFRACTION' 2.79 34.09 . . 129 1068 99.00 . . . 0.2685 . 0.2273 . . . . . . . . . . . 
# 
_struct.entry_id                     8BQ3 
_struct.title                        'Crystal structure of human R13 mutant of the c-Src SH3 domain in complex with VSL12-peptide' 
_struct.pdbx_model_details           ? 
_struct.pdbx_formula_weight          ? 
_struct.pdbx_formula_weight_method   ? 
_struct.pdbx_model_type_details      ? 
_struct.pdbx_CASP_flag               N 
# 
_struct_keywords.entry_id        8BQ3 
_struct_keywords.text            'Tyrosine Kinase, SH3 domain, mutational library, binding to proline-rich motifs, TRANSFERASE' 
_struct_keywords.pdbx_keywords   TRANSFERASE 
# 
loop_
_struct_asym.id 
_struct_asym.pdbx_blank_PDB_chainid_flag 
_struct_asym.pdbx_modified 
_struct_asym.entity_id 
_struct_asym.details 
A N N 1 ? 
B N N 2 ? 
# 
_struct_sheet.id               AA1 
_struct_sheet.type             ? 
_struct_sheet.number_strands   5 
_struct_sheet.details          ? 
# 
loop_
_struct_sheet_order.sheet_id 
_struct_sheet_order.range_id_1 
_struct_sheet_order.range_id_2 
_struct_sheet_order.offset 
_struct_sheet_order.sense 
AA1 1 2 ? anti-parallel 
AA1 2 3 ? anti-parallel 
AA1 3 4 ? anti-parallel 
AA1 4 5 ? anti-parallel 
# 
loop_
_struct_sheet_range.sheet_id 
_struct_sheet_range.id 
_struct_sheet_range.beg_label_comp_id 
_struct_sheet_range.beg_label_asym_id 
_struct_sheet_range.beg_label_seq_id 
_struct_sheet_range.pdbx_beg_PDB_ins_code 
_struct_sheet_range.end_label_comp_id 
_struct_sheet_range.end_label_asym_id 
_struct_sheet_range.end_label_seq_id 
_struct_sheet_range.pdbx_end_PDB_ins_code 
_struct_sheet_range.beg_auth_comp_id 
_struct_sheet_range.beg_auth_asym_id 
_struct_sheet_range.beg_auth_seq_id 
_struct_sheet_range.end_auth_comp_id 
_struct_sheet_range.end_auth_asym_id 
_struct_sheet_range.end_auth_seq_id 
AA1 1 VAL A 60 ? PRO A 64 ? VAL A 129 PRO A 133 
AA1 2 TRP A 49 ? LYS A 54 ? TRP A 118 LYS A 123 
AA1 3 ALA A 38 ? GLU A 43 ? ALA A 107 GLU A 112 
AA1 4 SER A 15 ? ALA A 19 ? SER A 84  ALA A 88  
AA1 5 VAL A 68 ? ILE A 70 ? VAL A 137 ILE A 139 
# 
loop_
_pdbx_struct_sheet_hbond.sheet_id 
_pdbx_struct_sheet_hbond.range_id_1 
_pdbx_struct_sheet_hbond.range_id_2 
_pdbx_struct_sheet_hbond.range_1_label_atom_id 
_pdbx_struct_sheet_hbond.range_1_label_comp_id 
_pdbx_struct_sheet_hbond.range_1_label_asym_id 
_pdbx_struct_sheet_hbond.range_1_label_seq_id 
_pdbx_struct_sheet_hbond.range_1_PDB_ins_code 
_pdbx_struct_sheet_hbond.range_1_auth_atom_id 
_pdbx_struct_sheet_hbond.range_1_auth_comp_id 
_pdbx_struct_sheet_hbond.range_1_auth_asym_id 
_pdbx_struct_sheet_hbond.range_1_auth_seq_id 
_pdbx_struct_sheet_hbond.range_2_label_atom_id 
_pdbx_struct_sheet_hbond.range_2_label_comp_id 
_pdbx_struct_sheet_hbond.range_2_label_asym_id 
_pdbx_struct_sheet_hbond.range_2_label_seq_id 
_pdbx_struct_sheet_hbond.range_2_PDB_ins_code 
_pdbx_struct_sheet_hbond.range_2_auth_atom_id 
_pdbx_struct_sheet_hbond.range_2_auth_comp_id 
_pdbx_struct_sheet_hbond.range_2_auth_asym_id 
_pdbx_struct_sheet_hbond.range_2_auth_seq_id 
AA1 1 2 O ILE A 63 ? O ILE A 132 N TRP A 50 ? N TRP A 119 
AA1 2 3 O LEU A 51 ? O LEU A 120 N VAL A 42 ? N VAL A 111 
AA1 3 4 O LEU A 39 ? O LEU A 108 N VAL A 17 ? N VAL A 86  
AA1 4 5 N GLU A 18 ? N GLU A 87  O LYS A 69 ? O LYS A 138 
# 
_atom_sites.entry_id                    8BQ3 
_atom_sites.Cartn_transf_matrix[1][1]   ? 
_atom_sites.Cartn_transf_matrix[1][2]   ? 
_atom_sites.Cartn_transf_matrix[1][3]   ? 
_atom_sites.Cartn_transf_matrix[2][1]   ? 
_atom_sites.Cartn_transf_matrix[2][2]   ? 
_atom_sites.Cartn_transf_matrix[2][3]   ? 
_atom_sites.Cartn_transf_matrix[3][1]   ? 
_atom_sites.Cartn_transf_matrix[3][2]   ? 
_atom_sites.Cartn_transf_matrix[3][3]   ? 
_atom_sites.Cartn_transf_vector[1]      ? 
_atom_sites.Cartn_transf_vector[2]      ? 
_atom_sites.Cartn_transf_vector[3]      ? 
_atom_sites.fract_transf_matrix[1][1]   -0.00176796 
_atom_sites.fract_transf_matrix[1][2]   -0.02924027 
_atom_sites.fract_transf_matrix[1][3]   0.00156370 
_atom_sites.fract_transf_matrix[2][1]   -0.00835973 
_atom_sites.fract_transf_matrix[2][2]   -0.01546589 
_atom_sites.fract_transf_matrix[2][3]   -0.02348326 
_atom_sites.fract_transf_matrix[3][1]   0.00642494 
_atom_sites.fract_transf_matrix[3][2]   -0.00049341 
_atom_sites.fract_transf_matrix[3][3]   -0.00196224 
_atom_sites.fract_transf_vector[1]      0.315649 
_atom_sites.fract_transf_vector[2]      0.435564 
_atom_sites.fract_transf_vector[3]      -0.043271 
_atom_sites.solution_primary            ? 
_atom_sites.solution_secondary          ? 
_atom_sites.solution_hydrogens          ? 
_atom_sites.special_details             ? 
# 
loop_
_atom_type.symbol 
C 
N 
O 
S 
# 
loop_
_atom_site.group_PDB 
_atom_site.id 
_atom_site.type_symbol 
_atom_site.label_atom_id 
_atom_site.label_alt_id 
_atom_site.label_comp_id 
_atom_site.label_asym_id 
_atom_site.label_entity_id 
_atom_site.label_seq_id 
_atom_site.pdbx_PDB_ins_code 
_atom_site.Cartn_x 
_atom_site.Cartn_y 
_atom_site.Cartn_z 
_atom_site.occupancy 
_atom_site.B_iso_or_equiv 
_atom_site.pdbx_formal_charge 
_atom_site.auth_seq_id 
_atom_site.auth_comp_id 
_atom_site.auth_asym_id 
_atom_site.auth_atom_id 
_atom_site.pdbx_PDB_model_num 
ATOM 1   N N   . ASP A 1 12 ? -2.714  15.580  -13.439 1.00 69.41  ? 81  ASP A N   1 
ATOM 2   C CA  . ASP A 1 12 ? -2.709  15.894  -11.997 1.00 88.02  ? 81  ASP A CA  1 
ATOM 3   C C   . ASP A 1 12 ? -1.375  15.535  -11.323 1.00 73.88  ? 81  ASP A C   1 
ATOM 4   O O   . ASP A 1 12 ? -0.351  16.150  -11.636 1.00 63.37  ? 81  ASP A O   1 
ATOM 5   C CB  . ASP A 1 12 ? -3.873  15.187  -11.272 1.00 86.23  ? 81  ASP A CB  1 
ATOM 6   C CG  . ASP A 1 12 ? -4.102  13.759  -11.768 1.00 81.26  ? 81  ASP A CG  1 
ATOM 7   O OD1 . ASP A 1 12 ? -5.202  13.202  -11.514 1.00 73.53  ? 81  ASP A OD1 1 
ATOM 8   O OD2 . ASP A 1 12 ? -3.185  13.213  -12.433 1.00 77.93  ? 81  ASP A OD2 1 
ATOM 9   N N   . ALA A 1 13 ? -1.417  14.547  -10.415 1.00 78.60  ? 82  ALA A N   1 
ATOM 10  C CA  . ALA A 1 13 ? -0.317  14.070  -9.566  1.00 74.05  ? 82  ALA A CA  1 
ATOM 11  C C   . ALA A 1 13 ? -0.864  12.974  -8.631  1.00 77.36  ? 82  ALA A C   1 
ATOM 12  O O   . ALA A 1 13 ? -2.082  12.856  -8.439  1.00 84.30  ? 82  ALA A O   1 
ATOM 13  C CB  . ALA A 1 13 ? 0.313   15.222  -8.769  1.00 66.91  ? 82  ALA A CB  1 
ATOM 14  N N   . ARG A 1 14 ? 0.046   12.183  -8.044  1.00 54.84  ? 83  ARG A N   1 
ATOM 15  C CA  . ARG A 1 14 ? -0.312  11.063  -7.167  1.00 58.12  ? 83  ARG A CA  1 
ATOM 16  C C   . ARG A 1 14 ? 0.880   10.640  -6.295  1.00 59.03  ? 83  ARG A C   1 
ATOM 17  O O   . ARG A 1 14 ? 2.039   10.821  -6.683  1.00 72.30  ? 83  ARG A O   1 
ATOM 18  C CB  . ARG A 1 14 ? -0.799  9.884   -8.001  1.00 60.88  ? 83  ARG A CB  1 
ATOM 19  C CG  . ARG A 1 14 ? -1.650  8.922   -7.265  1.00 60.53  ? 83  ARG A CG  1 
ATOM 20  C CD  . ARG A 1 14 ? -2.919  8.668   -8.020  1.00 62.83  ? 83  ARG A CD  1 
ATOM 21  N NE  . ARG A 1 14 ? -4.003  9.571   -7.645  1.00 76.46  ? 83  ARG A NE  1 
ATOM 22  C CZ  . ARG A 1 14 ? -5.277  9.385   -8.008  1.00 81.03  ? 83  ARG A CZ  1 
ATOM 23  N NH1 . ARG A 1 14 ? -5.613  8.326   -8.743  1.00 72.29  ? 83  ARG A NH1 1 
ATOM 24  N NH2 . ARG A 1 14 ? -6.221  10.241  -7.628  1.00 64.89  ? 83  ARG A NH2 1 
ATOM 25  N N   . SER A 1 15 ? 0.594   10.046  -5.129  1.00 46.30  ? 84  SER A N   1 
ATOM 26  C CA  . SER A 1 15 ? 1.629   9.773   -4.120  1.00 54.79  ? 84  SER A CA  1 
ATOM 27  C C   . SER A 1 15 ? 2.338   8.436   -4.325  1.00 55.60  ? 84  SER A C   1 
ATOM 28  O O   . SER A 1 15 ? 1.689   7.394   -4.469  1.00 53.08  ? 84  SER A O   1 
ATOM 29  C CB  . SER A 1 15 ? 1.061   9.786   -2.698  1.00 46.69  ? 84  SER A CB  1 
ATOM 30  O OG  . SER A 1 15 ? 0.831   11.098  -2.221  1.00 55.80  ? 84  SER A OG  1 
ATOM 31  N N   . ILE A 1 16 ? 3.673   8.471   -4.283  1.00 58.71  ? 85  ILE A N   1 
ATOM 32  C CA  . ILE A 1 16 ? 4.518   7.281   -4.210  1.00 53.13  ? 85  ILE A CA  1 
ATOM 33  C C   . ILE A 1 16 ? 4.926   7.070   -2.761  1.00 55.13  ? 85  ILE A C   1 
ATOM 34  O O   . ILE A 1 16 ? 5.458   7.988   -2.123  1.00 60.19  ? 85  ILE A O   1 
ATOM 35  C CB  . ILE A 1 16 ? 5.776   7.427   -5.076  1.00 48.57  ? 85  ILE A CB  1 
ATOM 36  C CG1 . ILE A 1 16 ? 5.443   8.003   -6.454  1.00 41.89  ? 85  ILE A CG1 1 
ATOM 37  C CG2 . ILE A 1 16 ? 6.504   6.107   -5.120  1.00 56.47  ? 85  ILE A CG2 1 
ATOM 38  C CD1 . ILE A 1 16 ? 4.910   7.029   -7.377  1.00 57.22  ? 85  ILE A CD1 1 
ATOM 39  N N   . VAL A 1 17 ? 4.724   5.858   -2.255  1.00 52.06  ? 86  VAL A N   1 
ATOM 40  C CA  . VAL A 1 17 ? 5.081   5.514   -0.891  1.00 49.36  ? 86  VAL A CA  1 
ATOM 41  C C   . VAL A 1 17 ? 6.063   4.353   -0.896  1.00 51.64  ? 86  VAL A C   1 
ATOM 42  O O   . VAL A 1 17 ? 6.267   3.655   -1.907  1.00 45.33  ? 86  VAL A O   1 
ATOM 43  C CB  . VAL A 1 17 ? 3.854   5.156   -0.037  1.00 53.61  ? 86  VAL A CB  1 
ATOM 44  C CG1 . VAL A 1 17 ? 2.823   6.251   -0.121  1.00 55.25  ? 86  VAL A CG1 1 
ATOM 45  C CG2 . VAL A 1 17 ? 3.278   3.809   -0.481  1.00 45.68  ? 86  VAL A CG2 1 
ATOM 46  N N   . GLU A 1 18 ? 6.681   4.141   0.266   1.00 55.75  ? 87  GLU A N   1 
ATOM 47  C CA  . GLU A 1 18 ? 7.581   3.020   0.462   1.00 55.58  ? 87  GLU A CA  1 
ATOM 48  C C   . GLU A 1 18 ? 7.107   2.208   1.648   1.00 46.96  ? 87  GLU A C   1 
ATOM 49  O O   . GLU A 1 18 ? 6.629   2.768   2.637   1.00 50.51  ? 87  GLU A O   1 
ATOM 50  C CB  . GLU A 1 18 ? 9.035   3.491   0.650   1.00 51.67  ? 87  GLU A CB  1 
ATOM 51  C CG  . GLU A 1 18 ? 9.918   3.048   -0.531  1.00 74.69  ? 87  GLU A CG  1 
ATOM 52  C CD  . GLU A 1 18 ? 11.386  3.514   -0.499  1.00 88.11  ? 87  GLU A CD  1 
ATOM 53  O OE1 . GLU A 1 18 ? 11.939  3.804   0.588   1.00 76.38  ? 87  GLU A OE1 1 
ATOM 54  O OE2 . GLU A 1 18 ? 12.002  3.529   -1.595  1.00 96.28  ? 87  GLU A OE2 1 
ATOM 55  N N   . ALA A 1 19 ? 7.206   0.890   1.544   1.00 48.23  ? 88  ALA A N   1 
ATOM 56  C CA  . ALA A 1 19 ? 6.790   0.065   2.665   1.00 51.92  ? 88  ALA A CA  1 
ATOM 57  C C   . ALA A 1 19 ? 7.845   0.062   3.759   1.00 52.96  ? 88  ALA A C   1 
ATOM 58  O O   . ALA A 1 19 ? 9.031   -0.160  3.492   1.00 51.59  ? 88  ALA A O   1 
ATOM 59  C CB  . ALA A 1 19 ? 6.514   -1.356  2.205   1.00 52.20  ? 88  ALA A CB  1 
ATOM 60  N N   . MET A 1 20 ? 7.404   0.293   4.993   1.00 55.08  ? 89  MET A N   1 
ATOM 61  C CA  . MET A 1 20 ? 8.274   0.167   6.152   1.00 56.39  ? 89  MET A CA  1 
ATOM 62  C C   . MET A 1 20 ? 8.204   -1.203  6.800   1.00 57.97  ? 89  MET A C   1 
ATOM 63  O O   . MET A 1 20 ? 9.049   -1.506  7.644   1.00 67.80  ? 89  MET A O   1 
ATOM 64  C CB  . MET A 1 20 ? 7.913   1.211   7.205   1.00 56.48  ? 89  MET A CB  1 
ATOM 65  C CG  . MET A 1 20 ? 8.001   2.629   6.738   1.00 53.58  ? 89  MET A CG  1 
ATOM 66  S SD  . MET A 1 20 ? 7.411   3.743   8.007   1.00 72.58  ? 89  MET A SD  1 
ATOM 67  C CE  . MET A 1 20 ? 5.825   3.040   8.444   1.00 66.45  ? 89  MET A CE  1 
ATOM 68  N N   . TYR A 1 21 ? 7.206   -2.020  6.464   1.00 57.53  ? 90  TYR A N   1 
ATOM 69  C CA  . TYR A 1 21 ? 7.109   -3.378  6.985   1.00 55.80  ? 90  TYR A CA  1 
ATOM 70  C C   . TYR A 1 21 ? 6.646   -4.301  5.869   1.00 52.85  ? 90  TYR A C   1 
ATOM 71  O O   . TYR A 1 21 ? 6.297   -3.857  4.773   1.00 56.44  ? 90  TYR A O   1 
ATOM 72  C CB  . TYR A 1 21 ? 6.168   -3.454  8.196   1.00 51.03  ? 90  TYR A CB  1 
ATOM 73  C CG  . TYR A 1 21 ? 6.415   -2.334  9.202   1.00 66.10  ? 90  TYR A CG  1 
ATOM 74  C CD1 . TYR A 1 21 ? 7.303   -2.496  10.266  1.00 68.44  ? 90  TYR A CD1 1 
ATOM 75  C CD2 . TYR A 1 21 ? 5.752   -1.117  9.086   1.00 68.83  ? 90  TYR A CD2 1 
ATOM 76  C CE1 . TYR A 1 21 ? 7.524   -1.470  11.178  1.00 64.88  ? 90  TYR A CE1 1 
ATOM 77  C CE2 . TYR A 1 21 ? 5.970   -0.093  9.981   1.00 66.44  ? 90  TYR A CE2 1 
ATOM 78  C CZ  . TYR A 1 21 ? 6.852   -0.271  11.022  1.00 75.14  ? 90  TYR A CZ  1 
ATOM 79  O OH  . TYR A 1 21 ? 7.054   0.766   11.904  1.00 89.31  ? 90  TYR A OH  1 
ATOM 80  N N   . ASP A 1 22 ? 6.703   -5.598  6.134   1.00 47.12  ? 91  ASP A N   1 
ATOM 81  C CA  . ASP A 1 22 ? 6.141   -6.577  5.223   1.00 50.59  ? 91  ASP A CA  1 
ATOM 82  C C   . ASP A 1 22 ? 4.675   -6.782  5.535   1.00 47.80  ? 91  ASP A C   1 
ATOM 83  O O   . ASP A 1 22 ? 4.236   -6.657  6.677   1.00 49.81  ? 91  ASP A O   1 
ATOM 84  C CB  . ASP A 1 22 ? 6.853   -7.919  5.335   1.00 54.55  ? 91  ASP A CB  1 
ATOM 85  C CG  . ASP A 1 22 ? 8.326   -7.779  5.293   1.00 51.85  ? 91  ASP A CG  1 
ATOM 86  O OD1 . ASP A 1 22 ? 8.861   -7.353  4.249   1.00 49.07  ? 91  ASP A OD1 1 
ATOM 87  O OD2 . ASP A 1 22 ? 8.952   -8.066  6.330   1.00 65.10  ? 91  ASP A OD2 1 
ATOM 88  N N   . TYR A 1 23 ? 3.911   -7.104  4.507   1.00 47.80  ? 92  TYR A N   1 
ATOM 89  C CA  . TYR A 1 23 ? 2.495   -7.357  4.704   1.00 53.13  ? 92  TYR A CA  1 
ATOM 90  C C   . TYR A 1 23 ? 2.114   -8.498  3.787   1.00 48.20  ? 92  TYR A C   1 
ATOM 91  O O   . TYR A 1 23 ? 2.152   -8.354  2.563   1.00 53.37  ? 92  TYR A O   1 
ATOM 92  C CB  . TYR A 1 23 ? 1.645   -6.108  4.428   1.00 45.98  ? 92  TYR A CB  1 
ATOM 93  C CG  . TYR A 1 23 ? 0.174   -6.368  4.595   1.00 53.20  ? 92  TYR A CG  1 
ATOM 94  C CD1 . TYR A 1 23 ? -0.343  -6.758  5.830   1.00 49.15  ? 92  TYR A CD1 1 
ATOM 95  C CD2 . TYR A 1 23 ? -0.703  -6.231  3.526   1.00 53.73  ? 92  TYR A CD2 1 
ATOM 96  C CE1 . TYR A 1 23 ? -1.681  -7.010  5.995   1.00 55.27  ? 92  TYR A CE1 1 
ATOM 97  C CE2 . TYR A 1 23 ? -2.056  -6.474  3.677   1.00 53.69  ? 92  TYR A CE2 1 
ATOM 98  C CZ  . TYR A 1 23 ? -2.545  -6.865  4.917   1.00 58.94  ? 92  TYR A CZ  1 
ATOM 99  O OH  . TYR A 1 23 ? -3.896  -7.110  5.081   1.00 53.02  ? 92  TYR A OH  1 
ATOM 100 N N   . VAL A 1 24 ? 1.799   -9.636  4.366   1.00 45.51  ? 93  VAL A N   1 
ATOM 101 C CA  . VAL A 1 24 ? 1.270   -10.759 3.617   1.00 57.63  ? 93  VAL A CA  1 
ATOM 102 C C   . VAL A 1 24 ? -0.179  -10.911 4.042   1.00 63.05  ? 93  VAL A C   1 
ATOM 103 O O   . VAL A 1 24 ? -0.467  -11.224 5.205   1.00 64.65  ? 93  VAL A O   1 
ATOM 104 C CB  . VAL A 1 24 ? 2.066   -12.044 3.854   1.00 56.17  ? 93  VAL A CB  1 
ATOM 105 C CG1 . VAL A 1 24 ? 1.330   -13.189 3.265   1.00 50.48  ? 93  VAL A CG1 1 
ATOM 106 C CG2 . VAL A 1 24 ? 3.431   -11.937 3.195   1.00 52.58  ? 93  VAL A CG2 1 
ATOM 107 N N   . SER A 1 25 ? -1.083  -10.649 3.113   1.00 58.38  ? 94  SER A N   1 
ATOM 108 C CA  . SER A 1 25 ? -2.514  -10.775 3.312   1.00 62.82  ? 94  SER A CA  1 
ATOM 109 C C   . SER A 1 25 ? -2.966  -12.201 3.052   1.00 75.60  ? 94  SER A C   1 
ATOM 110 O O   . SER A 1 25 ? -2.278  -12.996 2.407   1.00 78.45  ? 94  SER A O   1 
ATOM 111 C CB  . SER A 1 25 ? -3.253  -9.847  2.355   1.00 73.00  ? 94  SER A CB  1 
ATOM 112 O OG  . SER A 1 25 ? -2.571  -9.842  1.104   1.00 75.13  ? 94  SER A OG  1 
ATOM 113 N N   . GLU A 1 26 ? -4.159  -12.514 3.538   1.00 79.62  ? 95  GLU A N   1 
ATOM 114 C CA  . GLU A 1 26 ? -4.896  -13.647 2.999   1.00 87.58  ? 95  GLU A CA  1 
ATOM 115 C C   . GLU A 1 26 ? -6.164  -13.211 2.298   1.00 92.11  ? 95  GLU A C   1 
ATOM 116 O O   . GLU A 1 26 ? -6.593  -13.875 1.349   1.00 98.33  ? 95  GLU A O   1 
ATOM 117 C CB  . GLU A 1 26 ? -5.233  -14.658 4.104   1.00 94.06  ? 95  GLU A CB  1 
ATOM 118 C CG  . GLU A 1 26 ? -5.716  -16.010 3.578   1.00 102.41 ? 95  GLU A CG  1 
ATOM 119 C CD  . GLU A 1 26 ? -7.208  -16.220 3.775   1.00 108.22 ? 95  GLU A CD  1 
ATOM 120 O OE1 . GLU A 1 26 ? -7.683  -16.090 4.930   1.00 109.53 ? 95  GLU A OE1 1 
ATOM 121 O OE2 . GLU A 1 26 ? -7.907  -16.511 2.777   1.00 117.31 ? 95  GLU A OE2 1 
ATOM 122 N N   . MET A 1 27 ? -6.731  -12.081 2.721   1.00 85.50  ? 96  MET A N   1 
ATOM 123 C CA  . MET A 1 27 ? -7.848  -11.472 2.022   1.00 76.56  ? 96  MET A CA  1 
ATOM 124 C C   . MET A 1 27 ? -7.505  -11.256 0.558   1.00 81.38  ? 96  MET A C   1 
ATOM 125 O O   . MET A 1 27 ? -6.445  -10.713 0.229   1.00 84.43  ? 96  MET A O   1 
ATOM 126 C CB  . MET A 1 27 ? -8.186  -10.135 2.665   1.00 78.17  ? 96  MET A CB  1 
ATOM 127 C CG  . MET A 1 27 ? -8.162  -10.143 4.161   1.00 83.79  ? 96  MET A CG  1 
ATOM 128 S SD  . MET A 1 27 ? -9.763  -10.650 4.785   1.00 99.26  ? 96  MET A SD  1 
ATOM 129 C CE  . MET A 1 27 ? -9.895  -9.655  6.267   1.00 74.40  ? 96  MET A CE  1 
ATOM 130 N N   . GLU A 1 28 ? -8.416  -11.680 -0.318  1.00 80.78  ? 97  GLU A N   1 
ATOM 131 C CA  . GLU A 1 28 ? -8.295  -11.368 -1.738  1.00 83.95  ? 97  GLU A CA  1 
ATOM 132 C C   . GLU A 1 28 ? -8.209  -9.863  -1.970  1.00 80.06  ? 97  GLU A C   1 
ATOM 133 O O   . GLU A 1 28 ? -7.545  -9.417  -2.921  1.00 83.44  ? 97  GLU A O   1 
ATOM 134 C CB  . GLU A 1 28 ? -9.488  -11.946 -2.512  1.00 84.54  ? 97  GLU A CB  1 
ATOM 135 C CG  . GLU A 1 28 ? -9.425  -13.451 -2.808  1.00 94.60  ? 97  GLU A CG  1 
ATOM 136 C CD  . GLU A 1 28 ? -9.504  -14.326 -1.556  1.00 99.92  ? 97  GLU A CD  1 
ATOM 137 O OE1 . GLU A 1 28 ? -10.568 -14.331 -0.891  1.00 98.43  ? 97  GLU A OE1 1 
ATOM 138 O OE2 . GLU A 1 28 ? -8.504  -15.026 -1.251  1.00 102.91 ? 97  GLU A OE2 1 
ATOM 139 N N   . THR A 1 29 ? -8.847  -9.069  -1.095  1.00 67.76  ? 98  THR A N   1 
ATOM 140 C CA  . THR A 1 29 ? -8.975  -7.626  -1.296  1.00 66.82  ? 98  THR A CA  1 
ATOM 141 C C   . THR A 1 29 ? -7.670  -6.867  -1.075  1.00 63.67  ? 98  THR A C   1 
ATOM 142 O O   . THR A 1 29 ? -7.555  -5.738  -1.557  1.00 60.88  ? 98  THR A O   1 
ATOM 143 C CB  . THR A 1 29 ? -10.040 -7.031  -0.362  1.00 70.02  ? 98  THR A CB  1 
ATOM 144 O OG1 . THR A 1 29 ? -9.792  -7.448  0.991   1.00 67.19  ? 98  THR A OG1 1 
ATOM 145 C CG2 . THR A 1 29 ? -11.437 -7.459  -0.784  1.00 72.02  ? 98  THR A CG2 1 
ATOM 146 N N   . ASP A 1 30 ? -6.697  -7.453  -0.376  1.00 58.03  ? 99  ASP A N   1 
ATOM 147 C CA  . ASP A 1 30 ? -5.468  -6.778  0.002   1.00 56.17  ? 99  ASP A CA  1 
ATOM 148 C C   . ASP A 1 30 ? -4.285  -7.132  -0.905  1.00 59.84  ? 99  ASP A C   1 
ATOM 149 O O   . ASP A 1 30 ? -4.176  -8.245  -1.431  1.00 51.92  ? 99  ASP A O   1 
ATOM 150 C CB  . ASP A 1 30 ? -5.091  -7.118  1.438   1.00 58.61  ? 99  ASP A CB  1 
ATOM 151 C CG  . ASP A 1 30 ? -6.196  -6.845  2.403   1.00 65.22  ? 99  ASP A CG  1 
ATOM 152 O OD1 . ASP A 1 30 ? -7.227  -6.285  1.962   1.00 62.37  ? 99  ASP A OD1 1 
ATOM 153 O OD2 . ASP A 1 30 ? -6.030  -7.196  3.596   1.00 60.85  ? 99  ASP A OD2 1 
ATOM 154 N N   . LEU A 1 31 ? -3.384  -6.158  -1.046  1.00 50.71  ? 100 LEU A N   1 
ATOM 155 C CA  . LEU A 1 31 ? -2.073  -6.333  -1.629  1.00 51.51  ? 100 LEU A CA  1 
ATOM 156 C C   . LEU A 1 31 ? -1.145  -7.066  -0.655  1.00 55.47  ? 100 LEU A C   1 
ATOM 157 O O   . LEU A 1 31 ? -1.400  -7.141  0.540   1.00 61.65  ? 100 LEU A O   1 
ATOM 158 C CB  . LEU A 1 31 ? -1.478  -4.971  -1.951  1.00 49.81  ? 100 LEU A CB  1 
ATOM 159 C CG  . LEU A 1 31 ? -1.583  -4.269  -3.295  1.00 54.93  ? 100 LEU A CG  1 
ATOM 160 C CD1 . LEU A 1 31 ? -0.543  -3.125  -3.351  1.00 53.50  ? 100 LEU A CD1 1 
ATOM 161 C CD2 . LEU A 1 31 ? -1.346  -5.246  -4.389  1.00 50.59  ? 100 LEU A CD2 1 
ATOM 162 N N   . SER A 1 32 ? -0.043  -7.598  -1.176  1.00 54.39  ? 101 SER A N   1 
ATOM 163 C CA  . SER A 1 32 ? 1.088   -7.974  -0.336  1.00 54.55  ? 101 SER A CA  1 
ATOM 164 C C   . SER A 1 32 ? 2.341   -7.263  -0.837  1.00 52.20  ? 101 SER A C   1 
ATOM 165 O O   . SER A 1 32 ? 2.434   -6.859  -1.997  1.00 43.57  ? 101 SER A O   1 
ATOM 166 C CB  . SER A 1 32 ? 1.321   -9.488  -0.289  1.00 49.53  ? 101 SER A CB  1 
ATOM 167 O OG  . SER A 1 32 ? 0.124   -10.163 0.059   1.00 66.58  ? 101 SER A OG  1 
ATOM 168 N N   . PHE A 1 33 ? 3.291   -7.072  0.066   1.00 44.95  ? 102 PHE A N   1 
ATOM 169 C CA  . PHE A 1 33 ? 4.477   -6.314  -0.276  1.00 40.13  ? 102 PHE A CA  1 
ATOM 170 C C   . PHE A 1 33 ? 5.543   -6.574  0.778   1.00 50.37  ? 102 PHE A C   1 
ATOM 171 O O   . PHE A 1 33 ? 5.290   -7.169  1.834   1.00 52.99  ? 102 PHE A O   1 
ATOM 172 C CB  . PHE A 1 33 ? 4.164   -4.824  -0.408  1.00 44.57  ? 102 PHE A CB  1 
ATOM 173 C CG  . PHE A 1 33 ? 3.402   -4.237  0.765   1.00 48.81  ? 102 PHE A CG  1 
ATOM 174 C CD1 . PHE A 1 33 ? 4.063   -3.854  1.920   1.00 49.34  ? 102 PHE A CD1 1 
ATOM 175 C CD2 . PHE A 1 33 ? 2.033   -4.034  0.693   1.00 44.67  ? 102 PHE A CD2 1 
ATOM 176 C CE1 . PHE A 1 33 ? 3.373   -3.293  2.998   1.00 52.49  ? 102 PHE A CE1 1 
ATOM 177 C CE2 . PHE A 1 33 ? 1.346   -3.477  1.749   1.00 46.23  ? 102 PHE A CE2 1 
ATOM 178 C CZ  . PHE A 1 33 ? 2.017   -3.100  2.911   1.00 48.29  ? 102 PHE A CZ  1 
ATOM 179 N N   . THR A 1 34 ? 6.751   -6.126  0.467   1.00 48.23  ? 103 THR A N   1 
ATOM 180 C CA  . THR A 1 34 ? 7.899   -6.319  1.327   1.00 54.40  ? 103 THR A CA  1 
ATOM 181 C C   . THR A 1 34 ? 8.486   -4.965  1.684   1.00 53.58  ? 103 THR A C   1 
ATOM 182 O O   . THR A 1 34 ? 8.249   -3.968  0.997   1.00 47.19  ? 103 THR A O   1 
ATOM 183 C CB  . THR A 1 34 ? 8.953   -7.181  0.644   1.00 47.79  ? 103 THR A CB  1 
ATOM 184 O OG1 . THR A 1 34 ? 9.377   -6.515  -0.550  1.00 58.21  ? 103 THR A OG1 1 
ATOM 185 C CG2 . THR A 1 34 ? 8.366   -8.506  0.268   1.00 49.94  ? 103 THR A CG2 1 
ATOM 186 N N   . LYS A 1 35 ? 9.263   -4.951  2.767   1.00 54.22  ? 104 LYS A N   1 
ATOM 187 C CA  . LYS A 1 35 ? 9.899   -3.726  3.216   1.00 55.81  ? 104 LYS A CA  1 
ATOM 188 C C   . LYS A 1 35 ? 10.676  -3.095  2.068   1.00 53.94  ? 104 LYS A C   1 
ATOM 189 O O   . LYS A 1 35 ? 11.309  -3.794  1.274   1.00 56.87  ? 104 LYS A O   1 
ATOM 190 C CB  . LYS A 1 35 ? 10.813  -4.026  4.399   1.00 62.08  ? 104 LYS A CB  1 
ATOM 191 C CG  . LYS A 1 35 ? 11.079  -2.833  5.291   1.00 61.13  ? 104 LYS A CG  1 
ATOM 192 C CD  . LYS A 1 35 ? 11.894  -3.263  6.489   1.00 72.08  ? 104 LYS A CD  1 
ATOM 193 C CE  . LYS A 1 35 ? 12.074  -2.129  7.485   1.00 83.35  ? 104 LYS A CE  1 
ATOM 194 N NZ  . LYS A 1 35 ? 12.561  -2.626  8.797   1.00 92.83  ? 104 LYS A NZ  1 
ATOM 195 N N   . GLY A 1 36 ? 10.544  -1.778  1.927   1.00 48.12  ? 105 GLY A N   1 
ATOM 196 C CA  . GLY A 1 36 ? 11.205  -1.066  0.857   1.00 54.76  ? 105 GLY A CA  1 
ATOM 197 C C   . GLY A 1 36 ? 10.507  -1.062  -0.489  1.00 52.67  ? 105 GLY A C   1 
ATOM 198 O O   . GLY A 1 36 ? 10.881  -0.252  -1.347  1.00 56.14  ? 105 GLY A O   1 
ATOM 199 N N   . GLU A 1 37 ? 9.519   -1.933  -0.718  1.00 51.15  ? 106 GLU A N   1 
ATOM 200 C CA  . GLU A 1 37 ? 8.777   -1.902  -1.977  1.00 50.76  ? 106 GLU A CA  1 
ATOM 201 C C   . GLU A 1 37 ? 8.073   -0.553  -2.150  1.00 52.84  ? 106 GLU A C   1 
ATOM 202 O O   . GLU A 1 37 ? 7.657   0.092   -1.172  1.00 48.74  ? 106 GLU A O   1 
ATOM 203 C CB  . GLU A 1 37 ? 7.760   -3.053  -2.048  1.00 41.17  ? 106 GLU A CB  1 
ATOM 204 C CG  . GLU A 1 37 ? 7.071   -3.150  -3.395  1.00 47.69  ? 106 GLU A CG  1 
ATOM 205 C CD  . GLU A 1 37 ? 6.133   -4.340  -3.540  1.00 52.64  ? 106 GLU A CD  1 
ATOM 206 O OE1 . GLU A 1 37 ? 6.238   -5.275  -2.734  1.00 58.05  ? 106 GLU A OE1 1 
ATOM 207 O OE2 . GLU A 1 37 ? 5.302   -4.355  -4.481  1.00 56.26  ? 106 GLU A OE2 1 
ATOM 208 N N   . ALA A 1 38 ? 7.954   -0.114  -3.408  1.00 44.35  ? 107 ALA A N   1 
ATOM 209 C CA  . ALA A 1 38 ? 7.305   1.149   -3.729  1.00 38.74  ? 107 ALA A CA  1 
ATOM 210 C C   . ALA A 1 38 ? 5.894   0.876   -4.214  1.00 47.43  ? 107 ALA A C   1 
ATOM 211 O O   . ALA A 1 38 ? 5.675   -0.050  -5.007  1.00 49.80  ? 107 ALA A O   1 
ATOM 212 C CB  . ALA A 1 38 ? 8.072   1.934   -4.800  1.00 42.08  ? 107 ALA A CB  1 
ATOM 213 N N   . LEU A 1 39 ? 4.944   1.705   -3.758  1.00 43.38  ? 108 LEU A N   1 
ATOM 214 C CA  . LEU A 1 39 ? 3.530   1.542   -4.078  1.00 46.28  ? 108 LEU A CA  1 
ATOM 215 C C   . LEU A 1 39 ? 2.921   2.894   -4.421  1.00 39.41  ? 108 LEU A C   1 
ATOM 216 O O   . LEU A 1 39 ? 3.301   3.913   -3.850  1.00 41.67  ? 108 LEU A O   1 
ATOM 217 C CB  . LEU A 1 39 ? 2.751   0.926   -2.892  1.00 48.19  ? 108 LEU A CB  1 
ATOM 218 C CG  . LEU A 1 39 ? 3.179   -0.396  -2.243  1.00 44.23  ? 108 LEU A CG  1 
ATOM 219 C CD1 . LEU A 1 39 ? 2.437   -0.583  -0.906  1.00 43.36  ? 108 LEU A CD1 1 
ATOM 220 C CD2 . LEU A 1 39 ? 2.943   -1.591  -3.163  1.00 37.48  ? 108 LEU A CD2 1 
ATOM 221 N N   . ILE A 1 40 ? 1.952   2.904   -5.337  1.00 41.35  ? 109 ILE A N   1 
ATOM 222 C CA  . ILE A 1 40 ? 1.200   4.119   -5.649  1.00 46.59  ? 109 ILE A CA  1 
ATOM 223 C C   . ILE A 1 40 ? -0.109  4.116   -4.872  1.00 47.08  ? 109 ILE A C   1 
ATOM 224 O O   . ILE A 1 40 ? -0.869  3.141   -4.938  1.00 47.76  ? 109 ILE A O   1 
ATOM 225 C CB  . ILE A 1 40 ? 0.914   4.247   -7.154  1.00 50.76  ? 109 ILE A CB  1 
ATOM 226 C CG1 . ILE A 1 40 ? 2.205   4.342   -7.949  1.00 45.26  ? 109 ILE A CG1 1 
ATOM 227 C CG2 . ILE A 1 40 ? -0.008  5.448   -7.418  1.00 52.00  ? 109 ILE A CG2 1 
ATOM 228 C CD1 . ILE A 1 40 ? 2.521   3.072   -8.661  1.00 55.32  ? 109 ILE A CD1 1 
ATOM 229 N N   . ILE A 1 41 ? -0.403  5.213   -4.183  1.00 43.21  ? 110 ILE A N   1 
ATOM 230 C CA  . ILE A 1 41 ? -1.678  5.363   -3.482  1.00 44.90  ? 110 ILE A CA  1 
ATOM 231 C C   . ILE A 1 41 ? -2.716  5.916   -4.442  1.00 52.31  ? 110 ILE A C   1 
ATOM 232 O O   . ILE A 1 41 ? -2.557  7.021   -4.971  1.00 49.63  ? 110 ILE A O   1 
ATOM 233 C CB  . ILE A 1 41 ? -1.547  6.282   -2.266  1.00 47.73  ? 110 ILE A CB  1 
ATOM 234 C CG1 . ILE A 1 41 ? -0.495  5.740   -1.277  1.00 48.63  ? 110 ILE A CG1 1 
ATOM 235 C CG2 . ILE A 1 41 ? -2.921  6.472   -1.640  1.00 49.87  ? 110 ILE A CG2 1 
ATOM 236 C CD1 . ILE A 1 41 ? -0.729  4.252   -0.827  1.00 40.70  ? 110 ILE A CD1 1 
ATOM 237 N N   . VAL A 1 42 ? -3.797  5.171   -4.647  1.00 55.74  ? 111 VAL A N   1 
ATOM 238 C CA  . VAL A 1 42 ? -4.838  5.650   -5.544  1.00 58.66  ? 111 VAL A CA  1 
ATOM 239 C C   . VAL A 1 42 ? -6.003  6.263   -4.775  1.00 61.70  ? 111 VAL A C   1 
ATOM 240 O O   . VAL A 1 42 ? -6.648  7.199   -5.251  1.00 65.01  ? 111 VAL A O   1 
ATOM 241 C CB  . VAL A 1 42 ? -5.307  4.516   -6.465  1.00 57.70  ? 111 VAL A CB  1 
ATOM 242 C CG1 . VAL A 1 42 ? -4.174  4.067   -7.379  1.00 62.92  ? 111 VAL A CG1 1 
ATOM 243 C CG2 . VAL A 1 42 ? -5.807  3.378   -5.658  1.00 63.05  ? 111 VAL A CG2 1 
ATOM 244 N N   . GLU A 1 43 ? -6.296  5.774   -3.576  1.00 63.45  ? 112 GLU A N   1 
ATOM 245 C CA  . GLU A 1 43 ? -7.328  6.396   -2.752  1.00 68.52  ? 112 GLU A CA  1 
ATOM 246 C C   . GLU A 1 43 ? -6.833  6.505   -1.321  1.00 61.41  ? 112 GLU A C   1 
ATOM 247 O O   . GLU A 1 43 ? -6.346  5.521   -0.759  1.00 58.31  ? 112 GLU A O   1 
ATOM 248 C CB  . GLU A 1 43 ? -8.655  5.632   -2.797  1.00 65.46  ? 112 GLU A CB  1 
ATOM 249 C CG  . GLU A 1 43 ? -9.759  6.358   -2.029  1.00 78.94  ? 112 GLU A CG  1 
ATOM 250 C CD  . GLU A 1 43 ? -11.147 6.217   -2.649  1.00 77.67  ? 112 GLU A CD  1 
ATOM 251 O OE1 . GLU A 1 43 ? -11.554 5.071   -2.942  1.00 70.17  ? 112 GLU A OE1 1 
ATOM 252 O OE2 . GLU A 1 43 ? -11.841 7.255   -2.823  1.00 85.46  ? 112 GLU A OE2 1 
ATOM 253 N N   . ASN A 1 44 ? -6.973  7.707   -0.753  0.99 74.47  ? 113 ASN A N   1 
ATOM 254 C CA  . ASN A 1 44 ? -6.332  8.147   0.486   0.99 76.07  ? 113 ASN A CA  1 
ATOM 255 C C   . ASN A 1 44 ? -7.366  8.354   1.587   0.99 85.01  ? 113 ASN A C   1 
ATOM 256 O O   . ASN A 1 44 ? -7.311  9.307   2.360   0.99 87.63  ? 113 ASN A O   1 
ATOM 257 C CB  . ASN A 1 44 ? -5.521  9.423   0.249   0.99 82.35  ? 113 ASN A CB  1 
ATOM 258 C CG  . ASN A 1 44 ? -4.571  9.735   1.385   0.99 82.90  ? 113 ASN A CG  1 
ATOM 259 O OD1 . ASN A 1 44 ? -4.677  9.164   2.472   0.99 88.12  ? 113 ASN A OD1 1 
ATOM 260 N ND2 . ASN A 1 44 ? -3.622  10.638  1.136   0.99 86.86  ? 113 ASN A ND2 1 
ATOM 261 N N   . ASN A 1 45 ? -8.357  7.480   1.598   1.00 91.57  ? 114 ASN A N   1 
ATOM 262 C CA  . ASN A 1 45 ? -9.150  7.167   2.772   1.00 102.06 ? 114 ASN A CA  1 
ATOM 263 C C   . ASN A 1 45 ? -8.308  7.265   4.031   1.00 103.11 ? 114 ASN A C   1 
ATOM 264 O O   . ASN A 1 45 ? -7.570  6.340   4.358   1.00 104.74 ? 114 ASN A O   1 
ATOM 265 C CB  . ASN A 1 45 ? -9.672  5.740   2.606   1.00 109.71 ? 114 ASN A CB  1 
ATOM 266 C CG  . ASN A 1 45 ? -11.097 5.685   2.129   1.00 118.62 ? 114 ASN A CG  1 
ATOM 267 O OD1 . ASN A 1 45 ? -11.559 6.549   1.376   1.00 121.75 ? 114 ASN A OD1 1 
ATOM 268 N ND2 . ASN A 1 45 ? -11.785 4.615   2.501   1.00 121.80 ? 114 ASN A ND2 1 
ATOM 269 N N   . GLU A 1 46 ? -8.442  8.341   4.791   1.00 102.43 ? 115 GLU A N   1 
ATOM 270 C CA  . GLU A 1 46 ? -7.714  8.118   6.034   1.00 103.25 ? 115 GLU A CA  1 
ATOM 271 C C   . GLU A 1 46 ? -8.562  7.346   7.039   1.00 109.82 ? 115 GLU A C   1 
ATOM 272 O O   . GLU A 1 46 ? -8.262  7.353   8.243   1.00 105.22 ? 115 GLU A O   1 
ATOM 273 C CB  . GLU A 1 46 ? -7.154  9.411   6.641   1.00 104.50 ? 115 GLU A CB  1 
ATOM 274 C CG  . GLU A 1 46 ? -5.933  9.070   7.496   1.00 108.05 ? 115 GLU A CG  1 
ATOM 275 C CD  . GLU A 1 46 ? -4.986  10.232  7.714   1.00 103.34 ? 115 GLU A CD  1 
ATOM 276 O OE1 . GLU A 1 46 ? -5.458  11.346  8.055   1.00 108.85 ? 115 GLU A OE1 1 
ATOM 277 O OE2 . GLU A 1 46 ? -3.759  10.009  7.563   1.00 96.23  ? 115 GLU A OE2 1 
ATOM 278 N N   . GLY A 1 47 ? -9.599  6.656   6.550   1.00 111.07 ? 116 GLY A N   1 
ATOM 279 C CA  . GLY A 1 47 ? -10.179 5.527   7.244   1.00 102.64 ? 116 GLY A CA  1 
ATOM 280 C C   . GLY A 1 47 ? -9.273  4.311   7.166   1.00 94.34  ? 116 GLY A C   1 
ATOM 281 O O   . GLY A 1 47 ? -9.691  3.250   6.692   1.00 92.03  ? 116 GLY A O   1 
ATOM 282 N N   . ASP A 1 48 ? -8.007  4.494   7.566   1.00 91.49  ? 117 ASP A N   1 
ATOM 283 C CA  . ASP A 1 48 ? -7.076  3.442   7.972   1.00 83.12  ? 117 ASP A CA  1 
ATOM 284 C C   . ASP A 1 48 ? -6.557  2.554   6.848   1.00 77.76  ? 117 ASP A C   1 
ATOM 285 O O   . ASP A 1 48 ? -5.339  2.392   6.701   1.00 70.18  ? 117 ASP A O   1 
ATOM 286 C CB  . ASP A 1 48 ? -7.721  2.587   9.054   1.00 77.60  ? 117 ASP A CB  1 
ATOM 287 C CG  . ASP A 1 48 ? -7.402  3.106   10.434  1.00 90.42  ? 117 ASP A CG  1 
ATOM 288 O OD1 . ASP A 1 48 ? -8.303  3.130   11.305  1.00 99.38  ? 117 ASP A OD1 1 
ATOM 289 O OD2 . ASP A 1 48 ? -6.230  3.485   10.646  1.00 87.72  ? 117 ASP A OD2 1 
ATOM 290 N N   . TRP A 1 49 ? -7.446  1.943   6.077   1.00 70.25  ? 118 TRP A N   1 
ATOM 291 C CA  . TRP A 1 49 ? -7.022  1.177   4.919   1.00 57.27  ? 118 TRP A CA  1 
ATOM 292 C C   . TRP A 1 49 ? -6.988  2.078   3.696   1.00 62.48  ? 118 TRP A C   1 
ATOM 293 O O   . TRP A 1 49 ? -7.989  2.711   3.357   1.00 72.91  ? 118 TRP A O   1 
ATOM 294 C CB  . TRP A 1 49 ? -7.954  -0.001  4.680   1.00 60.44  ? 118 TRP A CB  1 
ATOM 295 C CG  . TRP A 1 49 ? -7.857  -1.031  5.748   1.00 67.06  ? 118 TRP A CG  1 
ATOM 296 C CD1 . TRP A 1 49 ? -8.552  -1.060  6.923   1.00 65.98  ? 118 TRP A CD1 1 
ATOM 297 C CD2 . TRP A 1 49 ? -7.017  -2.194  5.747   1.00 66.64  ? 118 TRP A CD2 1 
ATOM 298 N NE1 . TRP A 1 49 ? -8.190  -2.158  7.658   1.00 71.31  ? 118 TRP A NE1 1 
ATOM 299 C CE2 . TRP A 1 49 ? -7.252  -2.877  6.958   1.00 74.86  ? 118 TRP A CE2 1 
ATOM 300 C CE3 . TRP A 1 49 ? -6.087  -2.719  4.844   1.00 58.12  ? 118 TRP A CE3 1 
ATOM 301 C CZ2 . TRP A 1 49 ? -6.582  -4.058  7.294   1.00 60.61  ? 118 TRP A CZ2 1 
ATOM 302 C CZ3 . TRP A 1 49 ? -5.428  -3.897  5.179   1.00 62.92  ? 118 TRP A CZ3 1 
ATOM 303 C CH2 . TRP A 1 49 ? -5.679  -4.550  6.395   1.00 62.07  ? 118 TRP A CH2 1 
ATOM 304 N N   . TRP A 1 50 ? -5.838  2.137   3.038   1.00 58.92  ? 119 TRP A N   1 
ATOM 305 C CA  . TRP A 1 50 ? -5.680  2.861   1.786   1.00 56.56  ? 119 TRP A CA  1 
ATOM 306 C C   . TRP A 1 50 ? -5.708  1.892   0.614   1.00 52.39  ? 119 TRP A C   1 
ATOM 307 O O   . TRP A 1 50 ? -5.373  0.712   0.741   1.00 50.60  ? 119 TRP A O   1 
ATOM 308 C CB  . TRP A 1 50 ? -4.367  3.653   1.762   1.00 56.60  ? 119 TRP A CB  1 
ATOM 309 C CG  . TRP A 1 50 ? -4.318  4.715   2.765   1.00 63.42  ? 119 TRP A CG  1 
ATOM 310 C CD1 . TRP A 1 50 ? -5.311  5.066   3.597   1.00 69.22  ? 119 TRP A CD1 1 
ATOM 311 C CD2 . TRP A 1 50 ? -3.222  5.582   3.053   1.00 67.47  ? 119 TRP A CD2 1 
ATOM 312 N NE1 . TRP A 1 50 ? -4.926  6.109   4.394   1.00 72.15  ? 119 TRP A NE1 1 
ATOM 313 C CE2 . TRP A 1 50 ? -3.640  6.447   4.078   1.00 65.61  ? 119 TRP A CE2 1 
ATOM 314 C CE3 . TRP A 1 50 ? -1.925  5.714   2.543   1.00 62.88  ? 119 TRP A CE3 1 
ATOM 315 C CZ2 . TRP A 1 50 ? -2.812  7.423   4.615   1.00 64.84  ? 119 TRP A CZ2 1 
ATOM 316 C CZ3 . TRP A 1 50 ? -1.099  6.698   3.078   1.00 59.39  ? 119 TRP A CZ3 1 
ATOM 317 C CH2 . TRP A 1 50 ? -1.550  7.538   4.102   1.00 62.25  ? 119 TRP A CH2 1 
ATOM 318 N N   . LEU A 1 51 ? -6.101  2.412   -0.541  1.00 54.00  ? 120 LEU A N   1 
ATOM 319 C CA  . LEU A 1 51 ? -6.161  1.643   -1.776  1.00 49.83  ? 120 LEU A CA  1 
ATOM 320 C C   . LEU A 1 51 ? -4.937  1.969   -2.626  1.00 50.82  ? 120 LEU A C   1 
ATOM 321 O O   . LEU A 1 51 ? -4.627  3.148   -2.853  1.00 48.56  ? 120 LEU A O   1 
ATOM 322 C CB  . LEU A 1 51 ? -7.441  1.964   -2.528  1.00 46.93  ? 120 LEU A CB  1 
ATOM 323 C CG  . LEU A 1 51 ? -7.711  1.154   -3.774  1.00 50.46  ? 120 LEU A CG  1 
ATOM 324 C CD1 . LEU A 1 51 ? -7.858  -0.333  -3.432  1.00 57.67  ? 120 LEU A CD1 1 
ATOM 325 C CD2 . LEU A 1 51 ? -8.977  1.717   -4.376  1.00 63.85  ? 120 LEU A CD2 1 
ATOM 326 N N   . ALA A 1 52 ? -4.242  0.930   -3.093  1.00 52.61  ? 121 ALA A N   1 
ATOM 327 C CA  . ALA A 1 52 ? -2.911  1.102   -3.661  1.00 48.67  ? 121 ALA A CA  1 
ATOM 328 C C   . ALA A 1 52 ? -2.670  0.114   -4.785  1.00 56.23  ? 121 ALA A C   1 
ATOM 329 O O   . ALA A 1 52 ? -3.378  -0.887  -4.948  1.00 56.96  ? 121 ALA A O   1 
ATOM 330 C CB  . ALA A 1 52 ? -1.809  0.938   -2.615  1.00 44.27  ? 121 ALA A CB  1 
ATOM 331 N N   . ARG A 1 53 ? -1.632  0.402   -5.559  1.00 50.47  ? 122 ARG A N   1 
ATOM 332 C CA  . ARG A 1 53 ? -1.358  -0.444  -6.698  1.00 53.54  ? 122 ARG A CA  1 
ATOM 333 C C   . ARG A 1 53 ? 0.132   -0.472  -6.948  1.00 52.12  ? 122 ARG A C   1 
ATOM 334 O O   . ARG A 1 53 ? 0.810   0.554   -6.845  1.00 56.68  ? 122 ARG A O   1 
ATOM 335 C CB  . ARG A 1 53 ? -2.121  0.018   -7.939  1.00 58.27  ? 122 ARG A CB  1 
ATOM 336 C CG  . ARG A 1 53 ? -1.641  1.280   -8.578  1.00 58.76  ? 122 ARG A CG  1 
ATOM 337 C CD  . ARG A 1 53 ? -1.917  1.191   -10.059 1.00 68.80  ? 122 ARG A CD  1 
ATOM 338 N NE  . ARG A 1 53 ? -0.915  1.904   -10.855 1.00 66.73  ? 122 ARG A NE  1 
ATOM 339 C CZ  . ARG A 1 53 ? -0.992  3.199   -11.119 1.00 59.74  ? 122 ARG A CZ  1 
ATOM 340 N NH1 . ARG A 1 53 ? -1.999  3.914   -10.642 1.00 65.74  ? 122 ARG A NH1 1 
ATOM 341 N NH2 . ARG A 1 53 ? -0.079  3.770   -11.864 1.00 64.10  ? 122 ARG A NH2 1 
ATOM 342 N N   . LYS A 1 54 ? 0.629   -1.675  -7.216  1.00 56.16  ? 123 LYS A N   1 
ATOM 343 C CA  . LYS A 1 54 ? 2.020   -1.885  -7.565  1.00 54.73  ? 123 LYS A CA  1 
ATOM 344 C C   . LYS A 1 54 ? 2.332   -1.154  -8.857  1.00 54.72  ? 123 LYS A C   1 
ATOM 345 O O   . LYS A 1 54 ? 1.432   -0.839  -9.651  1.00 61.66  ? 123 LYS A O   1 
ATOM 346 C CB  . LYS A 1 54 ? 2.302   -3.377  -7.698  1.00 45.53  ? 123 LYS A CB  1 
ATOM 347 C CG  . LYS A 1 54 ? 2.037   -4.088  -6.404  1.00 48.24  ? 123 LYS A CG  1 
ATOM 348 C CD  . LYS A 1 54 ? 2.680   -5.417  -6.349  1.00 52.16  ? 123 LYS A CD  1 
ATOM 349 C CE  . LYS A 1 54 ? 2.551   -5.960  -4.966  1.00 51.64  ? 123 LYS A CE  1 
ATOM 350 N NZ  . LYS A 1 54 ? 3.624   -6.936  -4.657  1.00 58.80  ? 123 LYS A NZ  1 
ATOM 351 N N   . MET A 1 55 ? 3.617   -0.859  -9.057  1.00 56.18  ? 124 MET A N   1 
ATOM 352 C CA  . MET A 1 55 ? 3.997   -0.009  -10.177 1.00 67.16  ? 124 MET A CA  1 
ATOM 353 C C   . MET A 1 55 ? 3.924   -0.776  -11.491 1.00 64.48  ? 124 MET A C   1 
ATOM 354 O O   . MET A 1 55 ? 4.470   -1.884  -11.615 1.00 58.35  ? 124 MET A O   1 
ATOM 355 C CB  . MET A 1 55 ? 5.393   0.560   -9.970  1.00 68.78  ? 124 MET A CB  1 
ATOM 356 C CG  . MET A 1 55 ? 5.580   1.174   -8.607  1.00 63.48  ? 124 MET A CG  1 
ATOM 357 S SD  . MET A 1 55 ? 7.308   1.356   -8.192  1.00 97.55  ? 124 MET A SD  1 
ATOM 358 C CE  . MET A 1 55 ? 8.054   -0.189  -8.745  1.00 84.17  ? 124 MET A CE  1 
ATOM 359 N N   . ASN A 1 56 ? 3.241   -0.165  -12.460 1.00 57.24  ? 125 ASN A N   1 
ATOM 360 C CA  . ASN A 1 56 ? 3.090   -0.699  -13.805 1.00 66.02  ? 125 ASN A CA  1 
ATOM 361 C C   . ASN A 1 56 ? 2.419   -2.062  -13.801 1.00 71.93  ? 125 ASN A C   1 
ATOM 362 O O   . ASN A 1 56 ? 2.649   -2.879  -14.696 1.00 86.90  ? 125 ASN A O   1 
ATOM 363 C CB  . ASN A 1 56 ? 4.439   -0.783  -14.513 1.00 63.06  ? 125 ASN A CB  1 
ATOM 364 C CG  . ASN A 1 56 ? 5.087   0.562   -14.660 1.00 60.95  ? 125 ASN A CG  1 
ATOM 365 O OD1 . ASN A 1 56 ? 4.440   1.519   -15.068 1.00 59.04  ? 125 ASN A OD1 1 
ATOM 366 N ND2 . ASN A 1 56 ? 6.376   0.647   -14.337 1.00 62.65  ? 125 ASN A ND2 1 
ATOM 367 N N   . SER A 1 57 ? 1.598   -2.336  -12.799 1.00 64.06  ? 126 SER A N   1 
ATOM 368 C CA  . SER A 1 57 ? 0.905   -3.606  -12.744 1.00 67.52  ? 126 SER A CA  1 
ATOM 369 C C   . SER A 1 57 ? -0.567  -3.359  -12.449 1.00 63.68  ? 126 SER A C   1 
ATOM 370 O O   . SER A 1 57 ? -0.955  -2.311  -11.928 1.00 76.05  ? 126 SER A O   1 
ATOM 371 C CB  . SER A 1 57 ? 1.557   -4.542  -11.708 1.00 65.63  ? 126 SER A CB  1 
ATOM 372 O OG  . SER A 1 57 ? 0.868   -4.523  -10.470 1.00 72.21  ? 126 SER A OG  1 
ATOM 373 N N   . THR A 1 58 ? -1.394  -4.327  -12.817 1.00 64.77  ? 127 THR A N   1 
ATOM 374 C CA  . THR A 1 58 ? -2.811  -4.296  -12.492 1.00 57.18  ? 127 THR A CA  1 
ATOM 375 C C   . THR A 1 58 ? -3.094  -4.897  -11.133 1.00 48.53  ? 127 THR A C   1 
ATOM 376 O O   . THR A 1 58 ? -4.249  -5.214  -10.819 1.00 57.37  ? 127 THR A O   1 
ATOM 377 C CB  . THR A 1 58 ? -3.611  -5.038  -13.564 1.00 61.82  ? 127 THR A CB  1 
ATOM 378 O OG1 . THR A 1 58 ? -3.143  -6.394  -13.660 1.00 63.51  ? 127 THR A OG1 1 
ATOM 379 C CG2 . THR A 1 58 ? -3.461  -4.346  -14.898 1.00 64.61  ? 127 THR A CG2 1 
ATOM 380 N N   . GLU A 1 59 ? -2.067  -5.098  -10.332 1.00 54.79  ? 128 GLU A N   1 
ATOM 381 C CA  . GLU A 1 59 ? -2.250  -5.609  -8.987  1.00 58.50  ? 128 GLU A CA  1 
ATOM 382 C C   . GLU A 1 59 ? -2.607  -4.421  -8.107  1.00 56.62  ? 128 GLU A C   1 
ATOM 383 O O   . GLU A 1 59 ? -1.822  -3.475  -7.984  1.00 53.04  ? 128 GLU A O   1 
ATOM 384 C CB  . GLU A 1 59 ? -0.999  -6.335  -8.508  1.00 59.84  ? 128 GLU A CB  1 
ATOM 385 C CG  . GLU A 1 59 ? -1.249  -7.073  -7.223  1.00 65.06  ? 128 GLU A CG  1 
ATOM 386 C CD  . GLU A 1 59 ? -0.174  -8.062  -6.896  1.00 71.30  ? 128 GLU A CD  1 
ATOM 387 O OE1 . GLU A 1 59 ? 0.638   -8.355  -7.808  1.00 71.54  ? 128 GLU A OE1 1 
ATOM 388 O OE2 . GLU A 1 59 ? -0.157  -8.547  -5.734  1.00 73.93  ? 128 GLU A OE2 1 
ATOM 389 N N   . VAL A 1 60 ? -3.834  -4.437  -7.576  1.00 61.55  ? 129 VAL A N   1 
ATOM 390 C CA  . VAL A 1 60 ? -4.396  -3.397  -6.726  1.00 57.51  ? 129 VAL A CA  1 
ATOM 391 C C   . VAL A 1 60 ? -5.008  -4.075  -5.509  1.00 51.73  ? 129 VAL A C   1 
ATOM 392 O O   . VAL A 1 60 ? -5.361  -5.253  -5.541  1.00 56.10  ? 129 VAL A O   1 
ATOM 393 C CB  . VAL A 1 60 ? -5.483  -2.556  -7.433  1.00 60.99  ? 129 VAL A CB  1 
ATOM 394 C CG1 . VAL A 1 60 ? -5.064  -2.154  -8.842  1.00 53.34  ? 129 VAL A CG1 1 
ATOM 395 C CG2 . VAL A 1 60 ? -6.789  -3.330  -7.453  1.00 49.09  ? 129 VAL A CG2 1 
ATOM 396 N N   . GLY A 1 61 ? -5.149  -3.308  -4.437  1.00 53.08  ? 130 GLY A N   1 
ATOM 397 C CA  . GLY A 1 61 ? -5.746  -3.826  -3.220  1.00 44.15  ? 130 GLY A CA  1 
ATOM 398 C C   . GLY A 1 61 ? -5.564  -2.852  -2.078  1.00 49.11  ? 130 GLY A C   1 
ATOM 399 O O   . GLY A 1 61 ? -4.951  -1.795  -2.217  1.00 51.75  ? 130 GLY A O   1 
ATOM 400 N N   . TYR A 1 62 ? -6.101  -3.232  -0.932  1.00 50.88  ? 131 TYR A N   1 
ATOM 401 C CA  . TYR A 1 62 ? -6.036  -2.371  0.234   1.00 54.49  ? 131 TYR A CA  1 
ATOM 402 C C   . TYR A 1 62 ? -4.735  -2.625  0.990   1.00 51.99  ? 131 TYR A C   1 
ATOM 403 O O   . TYR A 1 62 ? -4.186  -3.727  0.955   1.00 52.57  ? 131 TYR A O   1 
ATOM 404 C CB  . TYR A 1 62 ? -7.277  -2.585  1.122   1.00 58.86  ? 131 TYR A CB  1 
ATOM 405 C CG  . TYR A 1 62 ? -8.509  -1.891  0.540   1.00 56.15  ? 131 TYR A CG  1 
ATOM 406 C CD1 . TYR A 1 62 ? -8.678  -0.517  0.688   1.00 58.39  ? 131 TYR A CD1 1 
ATOM 407 C CD2 . TYR A 1 62 ? -9.483  -2.598  -0.168  1.00 48.84  ? 131 TYR A CD2 1 
ATOM 408 C CE1 . TYR A 1 62 ? -9.772  0.148   0.146   1.00 55.66  ? 131 TYR A CE1 1 
ATOM 409 C CE2 . TYR A 1 62 ? -10.590 -1.932  -0.720  1.00 54.82  ? 131 TYR A CE2 1 
ATOM 410 C CZ  . TYR A 1 62 ? -10.711 -0.557  -0.555  1.00 54.74  ? 131 TYR A CZ  1 
ATOM 411 O OH  . TYR A 1 62 ? -11.756 0.135   -1.073  1.00 55.42  ? 131 TYR A OH  1 
ATOM 412 N N   . ILE A 1 63 ? -4.209  -1.580  1.625   1.00 50.35  ? 132 ILE A N   1 
ATOM 413 C CA  . ILE A 1 63 ? -3.005  -1.708  2.448   1.00 44.46  ? 132 ILE A CA  1 
ATOM 414 C C   . ILE A 1 63 ? -3.203  -0.967  3.763   1.00 51.25  ? 132 ILE A C   1 
ATOM 415 O O   . ILE A 1 63 ? -3.959  0.016   3.832   1.00 46.78  ? 132 ILE A O   1 
ATOM 416 C CB  . ILE A 1 63 ? -1.736  -1.211  1.716   1.00 46.27  ? 132 ILE A CB  1 
ATOM 417 C CG1 . ILE A 1 63 ? -1.747  0.312   1.492   1.00 46.87  ? 132 ILE A CG1 1 
ATOM 418 C CG2 . ILE A 1 63 ? -1.545  -1.941  0.405   1.00 42.12  ? 132 ILE A CG2 1 
ATOM 419 C CD1 . ILE A 1 63 ? -0.386  0.897   1.103   1.00 40.41  ? 132 ILE A CD1 1 
ATOM 420 N N   . PRO A 1 64 ? -2.563  -1.407  4.841   1.00 53.14  ? 133 PRO A N   1 
ATOM 421 C CA  . PRO A 1 64 ? -2.649  -0.679  6.112   1.00 54.76  ? 133 PRO A CA  1 
ATOM 422 C C   . PRO A 1 64 ? -1.880  0.633   6.031   1.00 55.75  ? 133 PRO A C   1 
ATOM 423 O O   . PRO A 1 64 ? -0.727  0.653   5.606   1.00 56.43  ? 133 PRO A O   1 
ATOM 424 C CB  . PRO A 1 64 ? -2.016  -1.639  7.115   1.00 60.37  ? 133 PRO A CB  1 
ATOM 425 C CG  . PRO A 1 64 ? -1.145  -2.542  6.260   1.00 59.07  ? 133 PRO A CG  1 
ATOM 426 C CD  . PRO A 1 64 ? -1.827  -2.679  4.957   1.00 49.65  ? 133 PRO A CD  1 
ATOM 427 N N   . SER A 1 65 ? -2.528  1.731   6.431   1.00 63.63  ? 134 SER A N   1 
ATOM 428 C CA  . SER A 1 65 ? -1.935  3.047   6.210   1.00 63.41  ? 134 SER A CA  1 
ATOM 429 C C   . SER A 1 65 ? -0.633  3.199   6.962   1.00 64.65  ? 134 SER A C   1 
ATOM 430 O O   . SER A 1 65 ? 0.265   3.924   6.518   1.00 69.39  ? 134 SER A O   1 
ATOM 431 C CB  . SER A 1 65 ? -2.893  4.154   6.639   1.00 63.98  ? 134 SER A CB  1 
ATOM 432 O OG  . SER A 1 65 ? -3.046  4.153   8.052   1.00 72.82  ? 134 SER A OG  1 
ATOM 433 N N   . ASN A 1 66 ? -0.508  2.520   8.090   1.00 61.97  ? 135 ASN A N   1 
ATOM 434 C CA  . ASN A 1 66 ? 0.612   2.690   8.998   1.00 60.24  ? 135 ASN A CA  1 
ATOM 435 C C   . ASN A 1 66 ? 1.818   1.832   8.640   1.00 59.71  ? 135 ASN A C   1 
ATOM 436 O O   . ASN A 1 66 ? 2.779   1.798   9.403   1.00 68.85  ? 135 ASN A O   1 
ATOM 437 C CB  . ASN A 1 66 ? 0.152   2.361   10.405  1.00 71.65  ? 135 ASN A CB  1 
ATOM 438 C CG  . ASN A 1 66 ? -0.780  1.177   10.425  1.00 71.49  ? 135 ASN A CG  1 
ATOM 439 O OD1 . ASN A 1 66 ? -1.270  0.736   9.378   1.00 68.11  ? 135 ASN A OD1 1 
ATOM 440 N ND2 . ASN A 1 66 ? -1.033  0.651   11.601  1.00 69.92  ? 135 ASN A ND2 1 
ATOM 441 N N   . TYR A 1 67 ? 1.794   1.133   7.513   1.00 64.16  ? 136 TYR A N   1 
ATOM 442 C CA  . TYR A 1 67 ? 2.947   0.379   7.045   1.00 62.54  ? 136 TYR A CA  1 
ATOM 443 C C   . TYR A 1 67 ? 3.713   1.118   5.963   1.00 57.88  ? 136 TYR A C   1 
ATOM 444 O O   . TYR A 1 67 ? 4.610   0.529   5.348   1.00 59.18  ? 136 TYR A O   1 
ATOM 445 C CB  . TYR A 1 67 ? 2.521   -0.982  6.490   1.00 62.96  ? 136 TYR A CB  1 
ATOM 446 C CG  . TYR A 1 67 ? 2.140   -2.049  7.492   1.00 66.33  ? 136 TYR A CG  1 
ATOM 447 C CD1 . TYR A 1 67 ? 1.212   -1.810  8.501   1.00 67.13  ? 136 TYR A CD1 1 
ATOM 448 C CD2 . TYR A 1 67 ? 2.688   -3.316  7.402   1.00 64.52  ? 136 TYR A CD2 1 
ATOM 449 C CE1 . TYR A 1 67 ? 0.863   -2.805  9.401   1.00 65.81  ? 136 TYR A CE1 1 
ATOM 450 C CE2 . TYR A 1 67 ? 2.345   -4.308  8.286   1.00 67.55  ? 136 TYR A CE2 1 
ATOM 451 C CZ  . TYR A 1 67 ? 1.434   -4.054  9.282   1.00 67.13  ? 136 TYR A CZ  1 
ATOM 452 O OH  . TYR A 1 67 ? 1.123   -5.066  10.152  1.00 62.71  ? 136 TYR A OH  1 
ATOM 453 N N   . VAL A 1 68 ? 3.355   2.374   5.674   1.00 56.40  ? 137 VAL A N   1 
ATOM 454 C CA  . VAL A 1 68 ? 3.964   3.108   4.567   1.00 63.48  ? 137 VAL A CA  1 
ATOM 455 C C   . VAL A 1 68 ? 4.353   4.516   5.005   1.00 61.35  ? 137 VAL A C   1 
ATOM 456 O O   . VAL A 1 68 ? 3.723   5.109   5.888   1.00 64.28  ? 137 VAL A O   1 
ATOM 457 C CB  . VAL A 1 68 ? 3.027   3.183   3.333   1.00 62.79  ? 137 VAL A CB  1 
ATOM 458 C CG1 . VAL A 1 68 ? 2.667   1.784   2.838   1.00 49.34  ? 137 VAL A CG1 1 
ATOM 459 C CG2 . VAL A 1 68 ? 1.787   3.983   3.657   1.00 49.88  ? 137 VAL A CG2 1 
ATOM 460 N N   . LYS A 1 69 ? 5.412   5.039   4.381   1.00 55.37  ? 138 LYS A N   1 
ATOM 461 C CA  . LYS A 1 69 ? 5.816   6.439   4.423   1.00 62.62  ? 138 LYS A CA  1 
ATOM 462 C C   . LYS A 1 69 ? 5.824   7.007   3.005   1.00 61.31  ? 138 LYS A C   1 
ATOM 463 O O   . LYS A 1 69 ? 6.031   6.284   2.025   1.00 61.50  ? 138 LYS A O   1 
ATOM 464 C CB  . LYS A 1 69 ? 7.234   6.616   5.026   1.00 68.89  ? 138 LYS A CB  1 
ATOM 465 C CG  . LYS A 1 69 ? 7.286   6.971   6.521   1.00 78.83  ? 138 LYS A CG  1 
ATOM 466 C CD  . LYS A 1 69 ? 7.438   8.479   6.833   1.00 81.49  ? 138 LYS A CD  1 
ATOM 467 C CE  . LYS A 1 69 ? 6.899   8.796   8.253   1.00 83.47  ? 138 LYS A CE  1 
ATOM 468 N NZ  . LYS A 1 69 ? 6.332   10.178  8.443   1.00 82.79  ? 138 LYS A NZ  1 
ATOM 469 N N   . ILE A 1 70 ? 5.663   8.322   2.899   1.00 62.95  ? 139 ILE A N   1 
ATOM 470 C CA  . ILE A 1 70 ? 5.780   8.994   1.610   1.00 65.95  ? 139 ILE A CA  1 
ATOM 471 C C   . ILE A 1 70 ? 7.252   9.227   1.300   1.00 72.19  ? 139 ILE A C   1 
ATOM 472 O O   . ILE A 1 70 ? 7.999   9.746   2.137   1.00 81.35  ? 139 ILE A O   1 
ATOM 473 C CB  . ILE A 1 70 ? 4.981   10.305  1.596   1.00 71.08  ? 139 ILE A CB  1 
ATOM 474 C CG1 . ILE A 1 70 ? 3.483   9.978   1.711   1.00 78.20  ? 139 ILE A CG1 1 
ATOM 475 C CG2 . ILE A 1 70 ? 5.237   11.046  0.309   1.00 71.17  ? 139 ILE A CG2 1 
ATOM 476 C CD1 . ILE A 1 70 ? 2.640   11.024  2.384   1.00 69.83  ? 139 ILE A CD1 1 
ATOM 477 N N   . ARG A 1 71 ? 7.674   8.829   0.097   1.00 72.18  ? 140 ARG A N   1 
ATOM 478 C CA  . ARG A 1 71 ? 9.091   8.859   -0.305  1.00 78.72  ? 140 ARG A CA  1 
ATOM 479 C C   . ARG A 1 71 ? 9.609   10.274  -0.550  1.00 82.77  ? 140 ARG A C   1 
ATOM 480 O O   . ARG A 1 71 ? 9.510   10.790  -1.666  1.00 92.33  ? 140 ARG A O   1 
ATOM 481 C CB  . ARG A 1 71 ? 9.295   8.023   -1.565  1.00 64.14  ? 140 ARG A CB  1 
ATOM 482 C CG  . ARG A 1 71 ? 10.556  7.210   -1.550  1.00 74.00  ? 140 ARG A CG  1 
ATOM 483 C CD  . ARG A 1 71 ? 10.536  6.162   -2.649  1.00 73.54  ? 140 ARG A CD  1 
ATOM 484 N NE  . ARG A 1 71 ? 10.880  6.760   -3.931  1.00 88.09  ? 140 ARG A NE  1 
ATOM 485 C CZ  . ARG A 1 71 ? 11.340  6.062   -4.959  1.00 80.82  ? 140 ARG A CZ  1 
ATOM 486 N NH1 . ARG A 1 71 ? 11.505  4.744   -4.842  1.00 82.20  ? 140 ARG A NH1 1 
ATOM 487 N NH2 . ARG A 1 71 ? 11.641  6.680   -6.091  1.00 77.38  ? 140 ARG A NH2 1 
ATOM 488 N N   . PRO B 2 7  ? -2.918  -3.815  13.076  1.00 91.28  ? 10  PRO B N   1 
ATOM 489 C CA  . PRO B 2 7  ? -1.947  -3.339  14.055  1.00 81.84  ? 10  PRO B CA  1 
ATOM 490 C C   . PRO B 2 7  ? -0.529  -3.499  13.532  1.00 82.09  ? 10  PRO B C   1 
ATOM 491 O O   . PRO B 2 7  ? -0.336  -3.534  12.340  1.00 82.92  ? 10  PRO B O   1 
ATOM 492 C CB  . PRO B 2 7  ? -2.208  -4.239  15.271  1.00 80.74  ? 10  PRO B CB  1 
ATOM 493 C CG  . PRO B 2 7  ? -3.486  -5.000  14.960  1.00 76.36  ? 10  PRO B CG  1 
ATOM 494 C CD  . PRO B 2 7  ? -3.547  -5.078  13.486  1.00 83.75  ? 10  PRO B CD  1 
ATOM 495 N N   . LEU B 2 8  ? 0.530   -3.527  14.343  1.00 87.20  ? 11  LEU B N   1 
ATOM 496 C CA  . LEU B 2 8  ? 1.820   -3.573  13.635  1.00 82.50  ? 11  LEU B CA  1 
ATOM 497 C C   . LEU B 2 8  ? 2.869   -4.471  14.287  1.00 87.21  ? 11  LEU B C   1 
ATOM 498 O O   . LEU B 2 8  ? 2.559   -5.220  15.223  1.00 84.57  ? 11  LEU B O   1 
ATOM 499 C CB  . LEU B 2 8  ? 2.420   -2.170  13.500  1.00 78.27  ? 11  LEU B CB  1 
ATOM 500 C CG  . LEU B 2 8  ? 1.831   -1.153  12.539  1.00 78.14  ? 11  LEU B CG  1 
ATOM 501 C CD1 . LEU B 2 8  ? 1.296   -0.019  13.369  1.00 95.84  ? 11  LEU B CD1 1 
ATOM 502 C CD2 . LEU B 2 8  ? 2.875   -0.681  11.555  1.00 80.34  ? 11  LEU B CD2 1 
ATOM 503 N N   . PRO B 2 9  ? 4.120   -4.454  13.780  1.00 85.28  ? 12  PRO B N   1 
ATOM 504 C CA  . PRO B 2 9  ? 5.299   -4.953  14.498  1.00 86.32  ? 12  PRO B CA  1 
ATOM 505 C C   . PRO B 2 9  ? 6.329   -3.850  14.814  1.00 92.03  ? 12  PRO B C   1 
ATOM 506 O O   . PRO B 2 9  ? 7.518   -4.122  14.997  1.00 96.01  ? 12  PRO B O   1 
ATOM 507 C CB  . PRO B 2 9  ? 5.889   -5.979  13.519  1.00 94.22  ? 12  PRO B CB  1 
ATOM 508 C CG  . PRO B 2 9  ? 5.065   -5.806  12.198  1.00 85.45  ? 12  PRO B CG  1 
ATOM 509 C CD  . PRO B 2 9  ? 4.345   -4.513  12.327  1.00 80.49  ? 12  PRO B CD  1 
# 
loop_
_pdbx_poly_seq_scheme.asym_id 
_pdbx_poly_seq_scheme.entity_id 
_pdbx_poly_seq_scheme.seq_id 
_pdbx_poly_seq_scheme.mon_id 
_pdbx_poly_seq_scheme.ndb_seq_num 
_pdbx_poly_seq_scheme.pdb_seq_num 
_pdbx_poly_seq_scheme.auth_seq_num 
_pdbx_poly_seq_scheme.pdb_mon_id 
_pdbx_poly_seq_scheme.auth_mon_id 
_pdbx_poly_seq_scheme.pdb_strand_id 
_pdbx_poly_seq_scheme.pdb_ins_code 
_pdbx_poly_seq_scheme.hetero 
A 1 1  MET 1  70  ?   ?   ?   A . n 
A 1 2  ALA 2  71  ?   ?   ?   A . n 
A 1 3  SER 3  72  ?   ?   ?   A . n 
A 1 4  MET 4  73  ?   ?   ?   A . n 
A 1 5  THR 5  74  ?   ?   ?   A . n 
A 1 6  GLY 6  75  ?   ?   ?   A . n 
A 1 7  GLY 7  76  ?   ?   ?   A . n 
A 1 8  GLN 8  77  ?   ?   ?   A . n 
A 1 9  GLN 9  78  ?   ?   ?   A . n 
A 1 10 MET 10 79  ?   ?   ?   A . n 
A 1 11 GLY 11 80  ?   ?   ?   A . n 
A 1 12 ASP 12 81  81  ASP ASP A . n 
A 1 13 ALA 13 82  82  ALA ALA A . n 
A 1 14 ARG 14 83  83  ARG ARG A . n 
A 1 15 SER 15 84  84  SER SER A . n 
A 1 16 ILE 16 85  85  ILE ILE A . n 
A 1 17 VAL 17 86  86  VAL VAL A . n 
A 1 18 GLU 18 87  87  GLU GLU A . n 
A 1 19 ALA 19 88  88  ALA ALA A . n 
A 1 20 MET 20 89  89  MET MET A . n 
A 1 21 TYR 21 90  90  TYR TYR A . n 
A 1 22 ASP 22 91  91  ASP ASP A . n 
A 1 23 TYR 23 92  92  TYR TYR A . n 
A 1 24 VAL 24 93  93  VAL VAL A . n 
A 1 25 SER 25 94  94  SER SER A . n 
A 1 26 GLU 26 95  95  GLU GLU A . n 
A 1 27 MET 27 96  96  MET MET A . n 
A 1 28 GLU 28 97  97  GLU GLU A . n 
A 1 29 THR 29 98  98  THR THR A . n 
A 1 30 ASP 30 99  99  ASP ASP A . n 
A 1 31 LEU 31 100 100 LEU LEU A . n 
A 1 32 SER 32 101 101 SER SER A . n 
A 1 33 PHE 33 102 102 PHE PHE A . n 
A 1 34 THR 34 103 103 THR THR A . n 
A 1 35 LYS 35 104 104 LYS LYS A . n 
A 1 36 GLY 36 105 105 GLY GLY A . n 
A 1 37 GLU 37 106 106 GLU GLU A . n 
A 1 38 ALA 38 107 107 ALA ALA A . n 
A 1 39 LEU 39 108 108 LEU LEU A . n 
A 1 40 ILE 40 109 109 ILE ILE A . n 
A 1 41 ILE 41 110 110 ILE ILE A . n 
A 1 42 VAL 42 111 111 VAL VAL A . n 
A 1 43 GLU 43 112 112 GLU GLU A . n 
A 1 44 ASN 44 113 113 ASN ASN A . n 
A 1 45 ASN 45 114 114 ASN ASN A . n 
A 1 46 GLU 46 115 115 GLU GLU A . n 
A 1 47 GLY 47 116 116 GLY GLY A . n 
A 1 48 ASP 48 117 117 ASP ASP A . n 
A 1 49 TRP 49 118 118 TRP TRP A . n 
A 1 50 TRP 50 119 119 TRP TRP A . n 
A 1 51 LEU 51 120 120 LEU LEU A . n 
A 1 52 ALA 52 121 121 ALA ALA A . n 
A 1 53 ARG 53 122 122 ARG ARG A . n 
A 1 54 LYS 54 123 123 LYS LYS A . n 
A 1 55 MET 55 124 124 MET MET A . n 
A 1 56 ASN 56 125 125 ASN ASN A . n 
A 1 57 SER 57 126 126 SER SER A . n 
A 1 58 THR 58 127 127 THR THR A . n 
A 1 59 GLU 59 128 128 GLU GLU A . n 
A 1 60 VAL 60 129 129 VAL VAL A . n 
A 1 61 GLY 61 130 130 GLY GLY A . n 
A 1 62 TYR 62 131 131 TYR TYR A . n 
A 1 63 ILE 63 132 132 ILE ILE A . n 
A 1 64 PRO 64 133 133 PRO PRO A . n 
A 1 65 SER 65 134 134 SER SER A . n 
A 1 66 ASN 66 135 135 ASN ASN A . n 
A 1 67 TYR 67 136 136 TYR TYR A . n 
A 1 68 VAL 68 137 137 VAL VAL A . n 
A 1 69 LYS 69 138 138 LYS LYS A . n 
A 1 70 ILE 70 139 139 ILE ILE A . n 
A 1 71 ARG 71 140 140 ARG ARG A . n 
A 1 72 ASP 72 141 ?   ?   ?   A . n 
A 1 73 LEU 73 142 ?   ?   ?   A . n 
A 1 74 GLU 74 143 ?   ?   ?   A . n 
A 1 75 ARG 75 144 ?   ?   ?   A . n 
A 1 76 GLY 76 145 ?   ?   ?   A . n 
A 1 77 ASP 77 146 ?   ?   ?   A . n 
A 1 78 TYR 78 147 ?   ?   ?   A . n 
A 1 79 LYS 79 148 ?   ?   ?   A . n 
A 1 80 ASP 80 149 ?   ?   ?   A . n 
A 1 81 ASP 81 150 ?   ?   ?   A . n 
A 1 82 ASP 82 151 ?   ?   ?   A . n 
A 1 83 ASP 83 152 ?   ?   ?   A . n 
A 1 84 LYS 84 153 ?   ?   ?   A . n 
A 1 85 LYS 85 154 ?   ?   ?   A . n 
A 1 86 LYS 86 155 ?   ?   ?   A . n 
B 2 1  VAL 1  4   ?   ?   ?   B . n 
B 2 2  SER 2  5   ?   ?   ?   B . n 
B 2 3  LEU 3  6   ?   ?   ?   B . n 
B 2 4  ALA 4  7   ?   ?   ?   B . n 
B 2 5  ARG 5  8   ?   ?   ?   B . n 
B 2 6  ARG 6  9   ?   ?   ?   B . n 
B 2 7  PRO 7  10  10  PRO PRO B . n 
B 2 8  LEU 8  11  11  LEU LEU B . n 
B 2 9  PRO 9  12  12  PRO PRO B . n 
B 2 10 PRO 10 13  ?   ?   ?   B . n 
B 2 11 LEU 11 14  ?   ?   ?   B . n 
B 2 12 PRO 12 15  ?   ?   ?   B . n 
# 
_pdbx_contact_author.id                 2 
_pdbx_contact_author.email              david.reverter@uab.cat 
_pdbx_contact_author.name_first         David 
_pdbx_contact_author.name_last          Reverter 
_pdbx_contact_author.name_mi            ? 
_pdbx_contact_author.role               'principal investigator/group leader' 
_pdbx_contact_author.identifier_ORCID   0000-0002-5347-0992 
# 
_pdbx_struct_assembly.id                   1 
_pdbx_struct_assembly.details              author_defined_assembly 
_pdbx_struct_assembly.method_details       ? 
_pdbx_struct_assembly.oligomeric_details   dimeric 
_pdbx_struct_assembly.oligomeric_count     2 
# 
loop_
_pdbx_struct_assembly_gen.assembly_id 
_pdbx_struct_assembly_gen.oper_expression 
_pdbx_struct_assembly_gen.asym_id_list 
1 1 A 
1 2 B 
# 
loop_
_pdbx_struct_assembly_prop.biol_id 
_pdbx_struct_assembly_prop.type 
_pdbx_struct_assembly_prop.value 
_pdbx_struct_assembly_prop.details 
1 'ABSA (A^2)' 360  ? 
1 MORE         -3   ? 
1 'SSA (A^2)'  4480 ? 
# 
loop_
_pdbx_struct_oper_list.id 
_pdbx_struct_oper_list.type 
_pdbx_struct_oper_list.name 
_pdbx_struct_oper_list.symmetry_operation 
_pdbx_struct_oper_list.matrix[1][1] 
_pdbx_struct_oper_list.matrix[1][2] 
_pdbx_struct_oper_list.matrix[1][3] 
_pdbx_struct_oper_list.vector[1] 
_pdbx_struct_oper_list.matrix[2][1] 
_pdbx_struct_oper_list.matrix[2][2] 
_pdbx_struct_oper_list.matrix[2][3] 
_pdbx_struct_oper_list.vector[2] 
_pdbx_struct_oper_list.matrix[3][1] 
_pdbx_struct_oper_list.matrix[3][2] 
_pdbx_struct_oper_list.matrix[3][3] 
_pdbx_struct_oper_list.vector[3] 
1 'identity operation'         1_555  x,y,z        1.0000000000  0.0000000000 0.0000000000  0.0000000000  0.0000000000 1.0000000000 0.0000000000  0.0000000000 0.0000000000  0.0000000000  1.0000000000  0.0000000000  
2 'crystal symmetry operation' 12_554 x,x-y,-z-1/6 -0.9927366395 0.1201360526 -0.0064260031 -4.9116781920 0.1201360526 0.9870514590 -0.1062861523 1.5994084897 -0.0064260031 -0.1062861523 -0.9943148195 24.3497133600 
# 
_pdbx_audit_revision_history.ordinal             1 
_pdbx_audit_revision_history.data_content_type   'Structure model' 
_pdbx_audit_revision_history.major_revision      1 
_pdbx_audit_revision_history.minor_revision      0 
_pdbx_audit_revision_history.revision_date       2023-11-29 
# 
_pdbx_audit_revision_details.ordinal             1 
_pdbx_audit_revision_details.revision_ordinal    1 
_pdbx_audit_revision_details.data_content_type   'Structure model' 
_pdbx_audit_revision_details.provider            repository 
_pdbx_audit_revision_details.type                'Initial release' 
_pdbx_audit_revision_details.description         ? 
_pdbx_audit_revision_details.details             ? 
# 
loop_
_software.citation_id 
_software.classification 
_software.compiler_name 
_software.compiler_version 
_software.contact_author 
_software.contact_author_email 
_software.date 
_software.description 
_software.dependencies 
_software.hardware 
_software.language 
_software.location 
_software.mods 
_software.name 
_software.os 
_software.os_version 
_software.type 
_software.version 
_software.pdbx_ordinal 
? refinement       ? ? ? ? ? ? ? ? ? ? ? PHENIX  ? ? ? '(1.17.1_3660: ???)' 1 
? 'data reduction' ? ? ? ? ? ? ? ? ? ? ? XDS     ? ? ? .                    2 
? 'data scaling'   ? ? ? ? ? ? ? ? ? ? ? Aimless ? ? ? 0.7.7                3 
? phasing          ? ? ? ? ? ? ? ? ? ? ? PHASER  ? ? ? 1.19.2_4158          4 
# 
_pdbx_validate_symm_contact.id                1 
_pdbx_validate_symm_contact.PDB_model_num     1 
_pdbx_validate_symm_contact.auth_atom_id_1    N 
_pdbx_validate_symm_contact.auth_asym_id_1    B 
_pdbx_validate_symm_contact.auth_comp_id_1    PRO 
_pdbx_validate_symm_contact.auth_seq_id_1     10 
_pdbx_validate_symm_contact.PDB_ins_code_1    ? 
_pdbx_validate_symm_contact.label_alt_id_1    ? 
_pdbx_validate_symm_contact.site_symmetry_1   1_555 
_pdbx_validate_symm_contact.auth_atom_id_2    N 
_pdbx_validate_symm_contact.auth_asym_id_2    B 
_pdbx_validate_symm_contact.auth_comp_id_2    PRO 
_pdbx_validate_symm_contact.auth_seq_id_2     10 
_pdbx_validate_symm_contact.PDB_ins_code_2    ? 
_pdbx_validate_symm_contact.label_alt_id_2    ? 
_pdbx_validate_symm_contact.site_symmetry_2   12_554 
_pdbx_validate_symm_contact.dist              1.36 
# 
loop_
_pdbx_validate_torsion.id 
_pdbx_validate_torsion.PDB_model_num 
_pdbx_validate_torsion.auth_comp_id 
_pdbx_validate_torsion.auth_asym_id 
_pdbx_validate_torsion.auth_seq_id 
_pdbx_validate_torsion.PDB_ins_code 
_pdbx_validate_torsion.label_alt_id 
_pdbx_validate_torsion.phi 
_pdbx_validate_torsion.psi 
1 1 ALA A 82  ? ? 176.90 162.83 
2 1 ASN A 114 ? ? -33.00 102.42 
3 1 ASP A 117 ? ? 71.58  -54.75 
# 
loop_
_pdbx_unobs_or_zero_occ_residues.id 
_pdbx_unobs_or_zero_occ_residues.PDB_model_num 
_pdbx_unobs_or_zero_occ_residues.polymer_flag 
_pdbx_unobs_or_zero_occ_residues.occupancy_flag 
_pdbx_unobs_or_zero_occ_residues.auth_asym_id 
_pdbx_unobs_or_zero_occ_residues.auth_comp_id 
_pdbx_unobs_or_zero_occ_residues.auth_seq_id 
_pdbx_unobs_or_zero_occ_residues.PDB_ins_code 
_pdbx_unobs_or_zero_occ_residues.label_asym_id 
_pdbx_unobs_or_zero_occ_residues.label_comp_id 
_pdbx_unobs_or_zero_occ_residues.label_seq_id 
1  1 Y 1 A MET 70  ? A MET 1  
2  1 Y 1 A ALA 71  ? A ALA 2  
3  1 Y 1 A SER 72  ? A SER 3  
4  1 Y 1 A MET 73  ? A MET 4  
5  1 Y 1 A THR 74  ? A THR 5  
6  1 Y 1 A GLY 75  ? A GLY 6  
7  1 Y 1 A GLY 76  ? A GLY 7  
8  1 Y 1 A GLN 77  ? A GLN 8  
9  1 Y 1 A GLN 78  ? A GLN 9  
10 1 Y 1 A MET 79  ? A MET 10 
11 1 Y 1 A GLY 80  ? A GLY 11 
12 1 Y 1 A ASP 141 ? A ASP 72 
13 1 Y 1 A LEU 142 ? A LEU 73 
14 1 Y 1 A GLU 143 ? A GLU 74 
15 1 Y 1 A ARG 144 ? A ARG 75 
16 1 Y 1 A GLY 145 ? A GLY 76 
17 1 Y 1 A ASP 146 ? A ASP 77 
18 1 Y 1 A TYR 147 ? A TYR 78 
19 1 Y 1 A LYS 148 ? A LYS 79 
20 1 Y 1 A ASP 149 ? A ASP 80 
21 1 Y 1 A ASP 150 ? A ASP 81 
22 1 Y 1 A ASP 151 ? A ASP 82 
23 1 Y 1 A ASP 152 ? A ASP 83 
24 1 Y 1 A LYS 153 ? A LYS 84 
25 1 Y 1 A LYS 154 ? A LYS 85 
26 1 Y 1 A LYS 155 ? A LYS 86 
27 1 Y 1 B VAL 4   ? B VAL 1  
28 1 Y 1 B SER 5   ? B SER 2  
29 1 Y 1 B LEU 6   ? B LEU 3  
30 1 Y 1 B ALA 7   ? B ALA 4  
31 1 Y 1 B ARG 8   ? B ARG 5  
32 1 Y 1 B ARG 9   ? B ARG 6  
33 1 Y 1 B PRO 13  ? B PRO 10 
34 1 Y 1 B LEU 14  ? B LEU 11 
35 1 Y 1 B PRO 15  ? B PRO 12 
# 
loop_
_chem_comp_atom.comp_id 
_chem_comp_atom.atom_id 
_chem_comp_atom.type_symbol 
_chem_comp_atom.pdbx_aromatic_flag 
_chem_comp_atom.pdbx_stereo_config 
_chem_comp_atom.pdbx_ordinal 
ALA N    N N N 1   
ALA CA   C N S 2   
ALA C    C N N 3   
ALA O    O N N 4   
ALA CB   C N N 5   
ALA OXT  O N N 6   
ALA H    H N N 7   
ALA H2   H N N 8   
ALA HA   H N N 9   
ALA HB1  H N N 10  
ALA HB2  H N N 11  
ALA HB3  H N N 12  
ALA HXT  H N N 13  
ARG N    N N N 14  
ARG CA   C N S 15  
ARG C    C N N 16  
ARG O    O N N 17  
ARG CB   C N N 18  
ARG CG   C N N 19  
ARG CD   C N N 20  
ARG NE   N N N 21  
ARG CZ   C N N 22  
ARG NH1  N N N 23  
ARG NH2  N N N 24  
ARG OXT  O N N 25  
ARG H    H N N 26  
ARG H2   H N N 27  
ARG HA   H N N 28  
ARG HB2  H N N 29  
ARG HB3  H N N 30  
ARG HG2  H N N 31  
ARG HG3  H N N 32  
ARG HD2  H N N 33  
ARG HD3  H N N 34  
ARG HE   H N N 35  
ARG HH11 H N N 36  
ARG HH12 H N N 37  
ARG HH21 H N N 38  
ARG HH22 H N N 39  
ARG HXT  H N N 40  
ASN N    N N N 41  
ASN CA   C N S 42  
ASN C    C N N 43  
ASN O    O N N 44  
ASN CB   C N N 45  
ASN CG   C N N 46  
ASN OD1  O N N 47  
ASN ND2  N N N 48  
ASN OXT  O N N 49  
ASN H    H N N 50  
ASN H2   H N N 51  
ASN HA   H N N 52  
ASN HB2  H N N 53  
ASN HB3  H N N 54  
ASN HD21 H N N 55  
ASN HD22 H N N 56  
ASN HXT  H N N 57  
ASP N    N N N 58  
ASP CA   C N S 59  
ASP C    C N N 60  
ASP O    O N N 61  
ASP CB   C N N 62  
ASP CG   C N N 63  
ASP OD1  O N N 64  
ASP OD2  O N N 65  
ASP OXT  O N N 66  
ASP H    H N N 67  
ASP H2   H N N 68  
ASP HA   H N N 69  
ASP HB2  H N N 70  
ASP HB3  H N N 71  
ASP HD2  H N N 72  
ASP HXT  H N N 73  
GLN N    N N N 74  
GLN CA   C N S 75  
GLN C    C N N 76  
GLN O    O N N 77  
GLN CB   C N N 78  
GLN CG   C N N 79  
GLN CD   C N N 80  
GLN OE1  O N N 81  
GLN NE2  N N N 82  
GLN OXT  O N N 83  
GLN H    H N N 84  
GLN H2   H N N 85  
GLN HA   H N N 86  
GLN HB2  H N N 87  
GLN HB3  H N N 88  
GLN HG2  H N N 89  
GLN HG3  H N N 90  
GLN HE21 H N N 91  
GLN HE22 H N N 92  
GLN HXT  H N N 93  
GLU N    N N N 94  
GLU CA   C N S 95  
GLU C    C N N 96  
GLU O    O N N 97  
GLU CB   C N N 98  
GLU CG   C N N 99  
GLU CD   C N N 100 
GLU OE1  O N N 101 
GLU OE2  O N N 102 
GLU OXT  O N N 103 
GLU H    H N N 104 
GLU H2   H N N 105 
GLU HA   H N N 106 
GLU HB2  H N N 107 
GLU HB3  H N N 108 
GLU HG2  H N N 109 
GLU HG3  H N N 110 
GLU HE2  H N N 111 
GLU HXT  H N N 112 
GLY N    N N N 113 
GLY CA   C N N 114 
GLY C    C N N 115 
GLY O    O N N 116 
GLY OXT  O N N 117 
GLY H    H N N 118 
GLY H2   H N N 119 
GLY HA2  H N N 120 
GLY HA3  H N N 121 
GLY HXT  H N N 122 
ILE N    N N N 123 
ILE CA   C N S 124 
ILE C    C N N 125 
ILE O    O N N 126 
ILE CB   C N S 127 
ILE CG1  C N N 128 
ILE CG2  C N N 129 
ILE CD1  C N N 130 
ILE OXT  O N N 131 
ILE H    H N N 132 
ILE H2   H N N 133 
ILE HA   H N N 134 
ILE HB   H N N 135 
ILE HG12 H N N 136 
ILE HG13 H N N 137 
ILE HG21 H N N 138 
ILE HG22 H N N 139 
ILE HG23 H N N 140 
ILE HD11 H N N 141 
ILE HD12 H N N 142 
ILE HD13 H N N 143 
ILE HXT  H N N 144 
LEU N    N N N 145 
LEU CA   C N S 146 
LEU C    C N N 147 
LEU O    O N N 148 
LEU CB   C N N 149 
LEU CG   C N N 150 
LEU CD1  C N N 151 
LEU CD2  C N N 152 
LEU OXT  O N N 153 
LEU H    H N N 154 
LEU H2   H N N 155 
LEU HA   H N N 156 
LEU HB2  H N N 157 
LEU HB3  H N N 158 
LEU HG   H N N 159 
LEU HD11 H N N 160 
LEU HD12 H N N 161 
LEU HD13 H N N 162 
LEU HD21 H N N 163 
LEU HD22 H N N 164 
LEU HD23 H N N 165 
LEU HXT  H N N 166 
LYS N    N N N 167 
LYS CA   C N S 168 
LYS C    C N N 169 
LYS O    O N N 170 
LYS CB   C N N 171 
LYS CG   C N N 172 
LYS CD   C N N 173 
LYS CE   C N N 174 
LYS NZ   N N N 175 
LYS OXT  O N N 176 
LYS H    H N N 177 
LYS H2   H N N 178 
LYS HA   H N N 179 
LYS HB2  H N N 180 
LYS HB3  H N N 181 
LYS HG2  H N N 182 
LYS HG3  H N N 183 
LYS HD2  H N N 184 
LYS HD3  H N N 185 
LYS HE2  H N N 186 
LYS HE3  H N N 187 
LYS HZ1  H N N 188 
LYS HZ2  H N N 189 
LYS HZ3  H N N 190 
LYS HXT  H N N 191 
MET N    N N N 192 
MET CA   C N S 193 
MET C    C N N 194 
MET O    O N N 195 
MET CB   C N N 196 
MET CG   C N N 197 
MET SD   S N N 198 
MET CE   C N N 199 
MET OXT  O N N 200 
MET H    H N N 201 
MET H2   H N N 202 
MET HA   H N N 203 
MET HB2  H N N 204 
MET HB3  H N N 205 
MET HG2  H N N 206 
MET HG3  H N N 207 
MET HE1  H N N 208 
MET HE2  H N N 209 
MET HE3  H N N 210 
MET HXT  H N N 211 
PHE N    N N N 212 
PHE CA   C N S 213 
PHE C    C N N 214 
PHE O    O N N 215 
PHE CB   C N N 216 
PHE CG   C Y N 217 
PHE CD1  C Y N 218 
PHE CD2  C Y N 219 
PHE CE1  C Y N 220 
PHE CE2  C Y N 221 
PHE CZ   C Y N 222 
PHE OXT  O N N 223 
PHE H    H N N 224 
PHE H2   H N N 225 
PHE HA   H N N 226 
PHE HB2  H N N 227 
PHE HB3  H N N 228 
PHE HD1  H N N 229 
PHE HD2  H N N 230 
PHE HE1  H N N 231 
PHE HE2  H N N 232 
PHE HZ   H N N 233 
PHE HXT  H N N 234 
PRO N    N N N 235 
PRO CA   C N S 236 
PRO C    C N N 237 
PRO O    O N N 238 
PRO CB   C N N 239 
PRO CG   C N N 240 
PRO CD   C N N 241 
PRO OXT  O N N 242 
PRO H    H N N 243 
PRO HA   H N N 244 
PRO HB2  H N N 245 
PRO HB3  H N N 246 
PRO HG2  H N N 247 
PRO HG3  H N N 248 
PRO HD2  H N N 249 
PRO HD3  H N N 250 
PRO HXT  H N N 251 
SER N    N N N 252 
SER CA   C N S 253 
SER C    C N N 254 
SER O    O N N 255 
SER CB   C N N 256 
SER OG   O N N 257 
SER OXT  O N N 258 
SER H    H N N 259 
SER H2   H N N 260 
SER HA   H N N 261 
SER HB2  H N N 262 
SER HB3  H N N 263 
SER HG   H N N 264 
SER HXT  H N N 265 
THR N    N N N 266 
THR CA   C N S 267 
THR C    C N N 268 
THR O    O N N 269 
THR CB   C N R 270 
THR OG1  O N N 271 
THR CG2  C N N 272 
THR OXT  O N N 273 
THR H    H N N 274 
THR H2   H N N 275 
THR HA   H N N 276 
THR HB   H N N 277 
THR HG1  H N N 278 
THR HG21 H N N 279 
THR HG22 H N N 280 
THR HG23 H N N 281 
THR HXT  H N N 282 
TRP N    N N N 283 
TRP CA   C N S 284 
TRP C    C N N 285 
TRP O    O N N 286 
TRP CB   C N N 287 
TRP CG   C Y N 288 
TRP CD1  C Y N 289 
TRP CD2  C Y N 290 
TRP NE1  N Y N 291 
TRP CE2  C Y N 292 
TRP CE3  C Y N 293 
TRP CZ2  C Y N 294 
TRP CZ3  C Y N 295 
TRP CH2  C Y N 296 
TRP OXT  O N N 297 
TRP H    H N N 298 
TRP H2   H N N 299 
TRP HA   H N N 300 
TRP HB2  H N N 301 
TRP HB3  H N N 302 
TRP HD1  H N N 303 
TRP HE1  H N N 304 
TRP HE3  H N N 305 
TRP HZ2  H N N 306 
TRP HZ3  H N N 307 
TRP HH2  H N N 308 
TRP HXT  H N N 309 
TYR N    N N N 310 
TYR CA   C N S 311 
TYR C    C N N 312 
TYR O    O N N 313 
TYR CB   C N N 314 
TYR CG   C Y N 315 
TYR CD1  C Y N 316 
TYR CD2  C Y N 317 
TYR CE1  C Y N 318 
TYR CE2  C Y N 319 
TYR CZ   C Y N 320 
TYR OH   O N N 321 
TYR OXT  O N N 322 
TYR H    H N N 323 
TYR H2   H N N 324 
TYR HA   H N N 325 
TYR HB2  H N N 326 
TYR HB3  H N N 327 
TYR HD1  H N N 328 
TYR HD2  H N N 329 
TYR HE1  H N N 330 
TYR HE2  H N N 331 
TYR HH   H N N 332 
TYR HXT  H N N 333 
VAL N    N N N 334 
VAL CA   C N S 335 
VAL C    C N N 336 
VAL O    O N N 337 
VAL CB   C N N 338 
VAL CG1  C N N 339 
VAL CG2  C N N 340 
VAL OXT  O N N 341 
VAL H    H N N 342 
VAL H2   H N N 343 
VAL HA   H N N 344 
VAL HB   H N N 345 
VAL HG11 H N N 346 
VAL HG12 H N N 347 
VAL HG13 H N N 348 
VAL HG21 H N N 349 
VAL HG22 H N N 350 
VAL HG23 H N N 351 
VAL HXT  H N N 352 
# 
loop_
_chem_comp_bond.comp_id 
_chem_comp_bond.atom_id_1 
_chem_comp_bond.atom_id_2 
_chem_comp_bond.value_order 
_chem_comp_bond.pdbx_aromatic_flag 
_chem_comp_bond.pdbx_stereo_config 
_chem_comp_bond.pdbx_ordinal 
ALA N   CA   sing N N 1   
ALA N   H    sing N N 2   
ALA N   H2   sing N N 3   
ALA CA  C    sing N N 4   
ALA CA  CB   sing N N 5   
ALA CA  HA   sing N N 6   
ALA C   O    doub N N 7   
ALA C   OXT  sing N N 8   
ALA CB  HB1  sing N N 9   
ALA CB  HB2  sing N N 10  
ALA CB  HB3  sing N N 11  
ALA OXT HXT  sing N N 12  
ARG N   CA   sing N N 13  
ARG N   H    sing N N 14  
ARG N   H2   sing N N 15  
ARG CA  C    sing N N 16  
ARG CA  CB   sing N N 17  
ARG CA  HA   sing N N 18  
ARG C   O    doub N N 19  
ARG C   OXT  sing N N 20  
ARG CB  CG   sing N N 21  
ARG CB  HB2  sing N N 22  
ARG CB  HB3  sing N N 23  
ARG CG  CD   sing N N 24  
ARG CG  HG2  sing N N 25  
ARG CG  HG3  sing N N 26  
ARG CD  NE   sing N N 27  
ARG CD  HD2  sing N N 28  
ARG CD  HD3  sing N N 29  
ARG NE  CZ   sing N N 30  
ARG NE  HE   sing N N 31  
ARG CZ  NH1  sing N N 32  
ARG CZ  NH2  doub N N 33  
ARG NH1 HH11 sing N N 34  
ARG NH1 HH12 sing N N 35  
ARG NH2 HH21 sing N N 36  
ARG NH2 HH22 sing N N 37  
ARG OXT HXT  sing N N 38  
ASN N   CA   sing N N 39  
ASN N   H    sing N N 40  
ASN N   H2   sing N N 41  
ASN CA  C    sing N N 42  
ASN CA  CB   sing N N 43  
ASN CA  HA   sing N N 44  
ASN C   O    doub N N 45  
ASN C   OXT  sing N N 46  
ASN CB  CG   sing N N 47  
ASN CB  HB2  sing N N 48  
ASN CB  HB3  sing N N 49  
ASN CG  OD1  doub N N 50  
ASN CG  ND2  sing N N 51  
ASN ND2 HD21 sing N N 52  
ASN ND2 HD22 sing N N 53  
ASN OXT HXT  sing N N 54  
ASP N   CA   sing N N 55  
ASP N   H    sing N N 56  
ASP N   H2   sing N N 57  
ASP CA  C    sing N N 58  
ASP CA  CB   sing N N 59  
ASP CA  HA   sing N N 60  
ASP C   O    doub N N 61  
ASP C   OXT  sing N N 62  
ASP CB  CG   sing N N 63  
ASP CB  HB2  sing N N 64  
ASP CB  HB3  sing N N 65  
ASP CG  OD1  doub N N 66  
ASP CG  OD2  sing N N 67  
ASP OD2 HD2  sing N N 68  
ASP OXT HXT  sing N N 69  
GLN N   CA   sing N N 70  
GLN N   H    sing N N 71  
GLN N   H2   sing N N 72  
GLN CA  C    sing N N 73  
GLN CA  CB   sing N N 74  
GLN CA  HA   sing N N 75  
GLN C   O    doub N N 76  
GLN C   OXT  sing N N 77  
GLN CB  CG   sing N N 78  
GLN CB  HB2  sing N N 79  
GLN CB  HB3  sing N N 80  
GLN CG  CD   sing N N 81  
GLN CG  HG2  sing N N 82  
GLN CG  HG3  sing N N 83  
GLN CD  OE1  doub N N 84  
GLN CD  NE2  sing N N 85  
GLN NE2 HE21 sing N N 86  
GLN NE2 HE22 sing N N 87  
GLN OXT HXT  sing N N 88  
GLU N   CA   sing N N 89  
GLU N   H    sing N N 90  
GLU N   H2   sing N N 91  
GLU CA  C    sing N N 92  
GLU CA  CB   sing N N 93  
GLU CA  HA   sing N N 94  
GLU C   O    doub N N 95  
GLU C   OXT  sing N N 96  
GLU CB  CG   sing N N 97  
GLU CB  HB2  sing N N 98  
GLU CB  HB3  sing N N 99  
GLU CG  CD   sing N N 100 
GLU CG  HG2  sing N N 101 
GLU CG  HG3  sing N N 102 
GLU CD  OE1  doub N N 103 
GLU CD  OE2  sing N N 104 
GLU OE2 HE2  sing N N 105 
GLU OXT HXT  sing N N 106 
GLY N   CA   sing N N 107 
GLY N   H    sing N N 108 
GLY N   H2   sing N N 109 
GLY CA  C    sing N N 110 
GLY CA  HA2  sing N N 111 
GLY CA  HA3  sing N N 112 
GLY C   O    doub N N 113 
GLY C   OXT  sing N N 114 
GLY OXT HXT  sing N N 115 
ILE N   CA   sing N N 116 
ILE N   H    sing N N 117 
ILE N   H2   sing N N 118 
ILE CA  C    sing N N 119 
ILE CA  CB   sing N N 120 
ILE CA  HA   sing N N 121 
ILE C   O    doub N N 122 
ILE C   OXT  sing N N 123 
ILE CB  CG1  sing N N 124 
ILE CB  CG2  sing N N 125 
ILE CB  HB   sing N N 126 
ILE CG1 CD1  sing N N 127 
ILE CG1 HG12 sing N N 128 
ILE CG1 HG13 sing N N 129 
ILE CG2 HG21 sing N N 130 
ILE CG2 HG22 sing N N 131 
ILE CG2 HG23 sing N N 132 
ILE CD1 HD11 sing N N 133 
ILE CD1 HD12 sing N N 134 
ILE CD1 HD13 sing N N 135 
ILE OXT HXT  sing N N 136 
LEU N   CA   sing N N 137 
LEU N   H    sing N N 138 
LEU N   H2   sing N N 139 
LEU CA  C    sing N N 140 
LEU CA  CB   sing N N 141 
LEU CA  HA   sing N N 142 
LEU C   O    doub N N 143 
LEU C   OXT  sing N N 144 
LEU CB  CG   sing N N 145 
LEU CB  HB2  sing N N 146 
LEU CB  HB3  sing N N 147 
LEU CG  CD1  sing N N 148 
LEU CG  CD2  sing N N 149 
LEU CG  HG   sing N N 150 
LEU CD1 HD11 sing N N 151 
LEU CD1 HD12 sing N N 152 
LEU CD1 HD13 sing N N 153 
LEU CD2 HD21 sing N N 154 
LEU CD2 HD22 sing N N 155 
LEU CD2 HD23 sing N N 156 
LEU OXT HXT  sing N N 157 
LYS N   CA   sing N N 158 
LYS N   H    sing N N 159 
LYS N   H2   sing N N 160 
LYS CA  C    sing N N 161 
LYS CA  CB   sing N N 162 
LYS CA  HA   sing N N 163 
LYS C   O    doub N N 164 
LYS C   OXT  sing N N 165 
LYS CB  CG   sing N N 166 
LYS CB  HB2  sing N N 167 
LYS CB  HB3  sing N N 168 
LYS CG  CD   sing N N 169 
LYS CG  HG2  sing N N 170 
LYS CG  HG3  sing N N 171 
LYS CD  CE   sing N N 172 
LYS CD  HD2  sing N N 173 
LYS CD  HD3  sing N N 174 
LYS CE  NZ   sing N N 175 
LYS CE  HE2  sing N N 176 
LYS CE  HE3  sing N N 177 
LYS NZ  HZ1  sing N N 178 
LYS NZ  HZ2  sing N N 179 
LYS NZ  HZ3  sing N N 180 
LYS OXT HXT  sing N N 181 
MET N   CA   sing N N 182 
MET N   H    sing N N 183 
MET N   H2   sing N N 184 
MET CA  C    sing N N 185 
MET CA  CB   sing N N 186 
MET CA  HA   sing N N 187 
MET C   O    doub N N 188 
MET C   OXT  sing N N 189 
MET CB  CG   sing N N 190 
MET CB  HB2  sing N N 191 
MET CB  HB3  sing N N 192 
MET CG  SD   sing N N 193 
MET CG  HG2  sing N N 194 
MET CG  HG3  sing N N 195 
MET SD  CE   sing N N 196 
MET CE  HE1  sing N N 197 
MET CE  HE2  sing N N 198 
MET CE  HE3  sing N N 199 
MET OXT HXT  sing N N 200 
PHE N   CA   sing N N 201 
PHE N   H    sing N N 202 
PHE N   H2   sing N N 203 
PHE CA  C    sing N N 204 
PHE CA  CB   sing N N 205 
PHE CA  HA   sing N N 206 
PHE C   O    doub N N 207 
PHE C   OXT  sing N N 208 
PHE CB  CG   sing N N 209 
PHE CB  HB2  sing N N 210 
PHE CB  HB3  sing N N 211 
PHE CG  CD1  doub Y N 212 
PHE CG  CD2  sing Y N 213 
PHE CD1 CE1  sing Y N 214 
PHE CD1 HD1  sing N N 215 
PHE CD2 CE2  doub Y N 216 
PHE CD2 HD2  sing N N 217 
PHE CE1 CZ   doub Y N 218 
PHE CE1 HE1  sing N N 219 
PHE CE2 CZ   sing Y N 220 
PHE CE2 HE2  sing N N 221 
PHE CZ  HZ   sing N N 222 
PHE OXT HXT  sing N N 223 
PRO N   CA   sing N N 224 
PRO N   CD   sing N N 225 
PRO N   H    sing N N 226 
PRO CA  C    sing N N 227 
PRO CA  CB   sing N N 228 
PRO CA  HA   sing N N 229 
PRO C   O    doub N N 230 
PRO C   OXT  sing N N 231 
PRO CB  CG   sing N N 232 
PRO CB  HB2  sing N N 233 
PRO CB  HB3  sing N N 234 
PRO CG  CD   sing N N 235 
PRO CG  HG2  sing N N 236 
PRO CG  HG3  sing N N 237 
PRO CD  HD2  sing N N 238 
PRO CD  HD3  sing N N 239 
PRO OXT HXT  sing N N 240 
SER N   CA   sing N N 241 
SER N   H    sing N N 242 
SER N   H2   sing N N 243 
SER CA  C    sing N N 244 
SER CA  CB   sing N N 245 
SER CA  HA   sing N N 246 
SER C   O    doub N N 247 
SER C   OXT  sing N N 248 
SER CB  OG   sing N N 249 
SER CB  HB2  sing N N 250 
SER CB  HB3  sing N N 251 
SER OG  HG   sing N N 252 
SER OXT HXT  sing N N 253 
THR N   CA   sing N N 254 
THR N   H    sing N N 255 
THR N   H2   sing N N 256 
THR CA  C    sing N N 257 
THR CA  CB   sing N N 258 
THR CA  HA   sing N N 259 
THR C   O    doub N N 260 
THR C   OXT  sing N N 261 
THR CB  OG1  sing N N 262 
THR CB  CG2  sing N N 263 
THR CB  HB   sing N N 264 
THR OG1 HG1  sing N N 265 
THR CG2 HG21 sing N N 266 
THR CG2 HG22 sing N N 267 
THR CG2 HG23 sing N N 268 
THR OXT HXT  sing N N 269 
TRP N   CA   sing N N 270 
TRP N   H    sing N N 271 
TRP N   H2   sing N N 272 
TRP CA  C    sing N N 273 
TRP CA  CB   sing N N 274 
TRP CA  HA   sing N N 275 
TRP C   O    doub N N 276 
TRP C   OXT  sing N N 277 
TRP CB  CG   sing N N 278 
TRP CB  HB2  sing N N 279 
TRP CB  HB3  sing N N 280 
TRP CG  CD1  doub Y N 281 
TRP CG  CD2  sing Y N 282 
TRP CD1 NE1  sing Y N 283 
TRP CD1 HD1  sing N N 284 
TRP CD2 CE2  doub Y N 285 
TRP CD2 CE3  sing Y N 286 
TRP NE1 CE2  sing Y N 287 
TRP NE1 HE1  sing N N 288 
TRP CE2 CZ2  sing Y N 289 
TRP CE3 CZ3  doub Y N 290 
TRP CE3 HE3  sing N N 291 
TRP CZ2 CH2  doub Y N 292 
TRP CZ2 HZ2  sing N N 293 
TRP CZ3 CH2  sing Y N 294 
TRP CZ3 HZ3  sing N N 295 
TRP CH2 HH2  sing N N 296 
TRP OXT HXT  sing N N 297 
TYR N   CA   sing N N 298 
TYR N   H    sing N N 299 
TYR N   H2   sing N N 300 
TYR CA  C    sing N N 301 
TYR CA  CB   sing N N 302 
TYR CA  HA   sing N N 303 
TYR C   O    doub N N 304 
TYR C   OXT  sing N N 305 
TYR CB  CG   sing N N 306 
TYR CB  HB2  sing N N 307 
TYR CB  HB3  sing N N 308 
TYR CG  CD1  doub Y N 309 
TYR CG  CD2  sing Y N 310 
TYR CD1 CE1  sing Y N 311 
TYR CD1 HD1  sing N N 312 
TYR CD2 CE2  doub Y N 313 
TYR CD2 HD2  sing N N 314 
TYR CE1 CZ   doub Y N 315 
TYR CE1 HE1  sing N N 316 
TYR CE2 CZ   sing Y N 317 
TYR CE2 HE2  sing N N 318 
TYR CZ  OH   sing N N 319 
TYR OH  HH   sing N N 320 
TYR OXT HXT  sing N N 321 
VAL N   CA   sing N N 322 
VAL N   H    sing N N 323 
VAL N   H2   sing N N 324 
VAL CA  C    sing N N 325 
VAL CA  CB   sing N N 326 
VAL CA  HA   sing N N 327 
VAL C   O    doub N N 328 
VAL C   OXT  sing N N 329 
VAL CB  CG1  sing N N 330 
VAL CB  CG2  sing N N 331 
VAL CB  HB   sing N N 332 
VAL CG1 HG11 sing N N 333 
VAL CG1 HG12 sing N N 334 
VAL CG1 HG13 sing N N 335 
VAL CG2 HG21 sing N N 336 
VAL CG2 HG22 sing N N 337 
VAL CG2 HG23 sing N N 338 
VAL OXT HXT  sing N N 339 
# 
_pdbx_audit_support.funding_organization   'Spanish Ministry of Science, Innovation, and Universities' 
_pdbx_audit_support.country                Spain 
_pdbx_audit_support.grant_number           PID2021-124602OB-I00 
_pdbx_audit_support.ordinal                1 
# 
_pdbx_struct_assembly_auth_evidence.id                     1 
_pdbx_struct_assembly_auth_evidence.assembly_id            1 
_pdbx_struct_assembly_auth_evidence.experimental_support   none 
_pdbx_struct_assembly_auth_evidence.details                ? 
# 
